data_2HP0
#
_entry.id   2HP0
#
_cell.length_a   55.602
_cell.length_b   104.973
_cell.length_c   78.645
_cell.angle_alpha   90.00
_cell.angle_beta   102.51
_cell.angle_gamma   90.00
#
_symmetry.space_group_name_H-M   'P 1 21 1'
#
loop_
_entity.id
_entity.type
_entity.pdbx_description
1 polymer IDS-epimerase
2 polymer IDS-epimerase
3 non-polymer 1,2-ETHANEDIOL
4 non-polymer 'UNKNOWN ATOM OR ION'
5 non-polymer (2R,3S)-1,4-DIMERCAPTOBUTANE-2,3-DIOL
6 water water
#
loop_
_entity_poly.entity_id
_entity_poly.type
_entity_poly.pdbx_seq_one_letter_code
_entity_poly.pdbx_strand_id
1 'polypeptide(L)'
;(MSE)GSSHHHHHHSSGLVPRGSH(MSE)FTTKLAEKVVSAWKAKISQPALKAAQDGVIDTVAAALGGVTEHSVQVALKY
VAATGGSGDSKLWGVNQRSN(MSE)FDAAFVNG(MSE)AAHAIDFDDSFPV(MSE)RGHPSSSLVPAIFAVGEHVGANGH
NCLKSYVLGIEVVATLGRAVGKGHYLAGWHPTSTLGVFGATTAAALLLGADEEQLRNAWGIAASNSCGIIKNFGT(MSE)
TKP(MSE)HTGSAARNGVLSAWLS(MSE)QSFTGCQTVFDDAEGILA(MSE)YGAQPGPELFNA(MSE)QKFGTPWAIIA
PGLYKKSWPSCYANHKPLAGLFAI(MSE)KEHGLTGQDISHVDVGFLPGVEKPLLY(MSE)DPRTTEEAKFSIEANIGAA
LLDGEVSLASFEIEHLDRPA(MSE)RAA(MSE)KKVTRFD(MSE)PSETTFSGTTGYTDIVVHTADGKIERRIEATPGSL
EDP(MSE)DDAHLERKFKDCTAW(MSE)PFGESGLLFDRLRSLTADQGIKTVQP
;
A
2 'polypeptide(L)'
;(MSE)GSSHHHHHHSSGLVPRGSH(MSE)FTTKLAEKVVSAWKAKISQPALKAAQDGVIDTVAAALGGVTEHSVQVALKY
VAATGGSGDSKLWGVNQRSN(MSE)FDAAFVNG(MSE)AAHAIDFDDSFPV(MSE)RGHPSSSLVPAIFAVGEHVGANGH
NCLKSYVLGIEVVATLGRAVGKGHYLAGWHPTSTLGVFGATTAAALLLGADEEQLRNAWGIAASNSCGIIKNFGT(MSE)
TKP(MSE)HTGSAARNGVLSAWLS(MSE)QSFTGCQTVFDDAEGILA(MSE)YGAQPGPELFNA(MSE)QKFGTPWAIIA
PGLYKKSWPS(CSO)YANHKPLAGLFAI(MSE)KEHGLTGQDISHVDVGFLPGVEKPLLY(MSE)DPRTTEEAKFSIEAN
IGAALLDGEVSLASFEIEHLDRPA(MSE)RAA(MSE)KKVTRFD(MSE)PSETTFSGTTGYTDIVVHTADGKIERRIEAT
PGSLEDP(MSE)DDAHLERKFKDCTAW(MSE)PFGESGLLFDRLRSLTADQGIKTVQP
;
B
#
loop_
_chem_comp.id
_chem_comp.type
_chem_comp.name
_chem_comp.formula
DTU non-polymer (2R,3S)-1,4-DIMERCAPTOBUTANE-2,3-DIOL 'C4 H10 O2 S2'
EDO non-polymer 1,2-ETHANEDIOL 'C2 H6 O2'
UNX non-polymer 'UNKNOWN ATOM OR ION' ?
#
# COMPACT_ATOMS: atom_id res chain seq x y z
N HIS A 20 -22.20 2.74 -18.69
CA HIS A 20 -22.08 4.06 -17.97
C HIS A 20 -20.89 4.22 -17.03
N MSE A 21 -20.23 3.12 -16.67
CA MSE A 21 -19.14 3.21 -15.72
CA MSE A 21 -19.13 3.18 -15.70
C MSE A 21 -17.79 3.30 -16.44
O MSE A 21 -17.53 2.58 -17.42
CB MSE A 21 -19.17 2.02 -14.76
CB MSE A 21 -19.07 1.92 -14.81
CG MSE A 21 -20.53 1.79 -14.08
CG MSE A 21 -20.20 1.74 -13.76
SE MSE A 21 -21.16 3.36 -13.07
SE MSE A 21 -20.12 2.82 -12.11
CE MSE A 21 -19.97 3.22 -11.51
CE MSE A 21 -21.17 4.30 -12.76
N PHE A 22 -16.95 4.21 -15.96
CA PHE A 22 -15.61 4.43 -16.51
C PHE A 22 -14.80 3.14 -16.42
N THR A 23 -14.88 2.47 -15.26
CA THR A 23 -14.06 1.25 -15.05
C THR A 23 -14.43 0.15 -16.04
N THR A 24 -15.74 -0.04 -16.26
CA THR A 24 -16.23 -1.04 -17.18
C THR A 24 -15.78 -0.72 -18.61
N LYS A 25 -15.90 0.54 -19.00
CA LYS A 25 -15.53 0.95 -20.35
C LYS A 25 -14.02 0.77 -20.58
N LEU A 26 -13.21 1.11 -19.59
CA LEU A 26 -11.76 0.99 -19.74
C LEU A 26 -11.38 -0.48 -19.89
N ALA A 27 -11.99 -1.37 -19.10
CA ALA A 27 -11.68 -2.80 -19.18
C ALA A 27 -12.08 -3.37 -20.55
N GLU A 28 -13.24 -2.95 -21.05
CA GLU A 28 -13.66 -3.31 -22.42
C GLU A 28 -12.64 -2.91 -23.48
N LYS A 29 -12.21 -1.66 -23.40
CA LYS A 29 -11.23 -1.14 -24.38
C LYS A 29 -9.94 -1.93 -24.30
N VAL A 30 -9.49 -2.22 -23.09
CA VAL A 30 -8.24 -2.93 -22.92
C VAL A 30 -8.33 -4.34 -23.45
N VAL A 31 -9.37 -5.08 -23.06
CA VAL A 31 -9.49 -6.47 -23.50
C VAL A 31 -9.71 -6.57 -25.03
N SER A 32 -10.46 -5.63 -25.59
CA SER A 32 -10.67 -5.65 -27.03
CA SER A 32 -10.66 -5.68 -27.03
C SER A 32 -9.35 -5.43 -27.77
N ALA A 33 -8.58 -4.47 -27.30
CA ALA A 33 -7.27 -4.18 -27.90
C ALA A 33 -6.29 -5.35 -27.76
N TRP A 34 -6.40 -6.06 -26.65
CA TRP A 34 -5.57 -7.25 -26.40
C TRP A 34 -5.83 -8.34 -27.44
N LYS A 35 -7.08 -8.47 -27.84
CA LYS A 35 -7.49 -9.46 -28.82
C LYS A 35 -7.14 -9.09 -30.24
N ALA A 36 -6.95 -7.80 -30.49
CA ALA A 36 -6.66 -7.31 -31.83
C ALA A 36 -5.16 -7.13 -32.03
N LYS A 37 -4.78 -6.93 -33.28
CA LYS A 37 -3.41 -6.61 -33.61
C LYS A 37 -3.15 -5.18 -33.19
N ILE A 38 -1.90 -4.89 -32.93
CA ILE A 38 -1.47 -3.57 -32.49
C ILE A 38 -0.35 -3.11 -33.41
N SER A 39 -0.26 -1.79 -33.58
CA SER A 39 0.64 -1.19 -34.56
C SER A 39 2.11 -1.51 -34.33
N GLN A 40 2.85 -1.64 -35.42
CA GLN A 40 4.28 -1.93 -35.32
C GLN A 40 5.05 -0.82 -34.62
N PRO A 41 4.73 0.46 -34.90
CA PRO A 41 5.35 1.52 -34.11
C PRO A 41 5.13 1.37 -32.59
N ALA A 42 3.97 0.88 -32.16
CA ALA A 42 3.71 0.70 -30.73
C ALA A 42 4.61 -0.37 -30.17
N LEU A 43 4.75 -1.46 -30.93
CA LEU A 43 5.56 -2.58 -30.50
C LEU A 43 7.04 -2.19 -30.47
N LYS A 44 7.50 -1.39 -31.42
CA LYS A 44 8.89 -0.85 -31.42
C LYS A 44 9.12 0.00 -30.17
N ALA A 45 8.17 0.87 -29.85
CA ALA A 45 8.28 1.70 -28.66
C ALA A 45 8.37 0.83 -27.42
N ALA A 46 7.55 -0.21 -27.35
CA ALA A 46 7.62 -1.17 -26.23
C ALA A 46 8.96 -1.90 -26.16
N GLN A 47 9.45 -2.35 -27.31
CA GLN A 47 10.76 -3.03 -27.40
C GLN A 47 11.86 -2.12 -26.83
N ASP A 48 11.84 -0.88 -27.24
CA ASP A 48 12.83 0.08 -26.75
C ASP A 48 12.72 0.33 -25.25
N GLY A 49 11.49 0.39 -24.75
CA GLY A 49 11.26 0.52 -23.33
C GLY A 49 11.83 -0.63 -22.56
N VAL A 50 11.66 -1.83 -23.08
CA VAL A 50 12.20 -3.02 -22.42
C VAL A 50 13.73 -2.89 -22.31
N ILE A 51 14.37 -2.56 -23.41
CA ILE A 51 15.83 -2.44 -23.44
C ILE A 51 16.28 -1.38 -22.44
N ASP A 52 15.62 -0.22 -22.43
CA ASP A 52 16.02 0.88 -21.56
C ASP A 52 15.86 0.50 -20.09
N THR A 53 14.76 -0.20 -19.77
CA THR A 53 14.45 -0.57 -18.39
C THR A 53 15.40 -1.65 -17.88
N VAL A 54 15.67 -2.63 -18.74
CA VAL A 54 16.66 -3.68 -18.35
C VAL A 54 18.04 -3.07 -18.19
N ALA A 55 18.42 -2.15 -19.07
CA ALA A 55 19.67 -1.42 -18.92
C ALA A 55 19.75 -0.74 -17.55
N ALA A 56 18.72 0.02 -17.24
CA ALA A 56 18.70 0.79 -15.99
C ALA A 56 18.84 -0.19 -14.80
N ALA A 57 18.11 -1.31 -14.82
CA ALA A 57 18.18 -2.31 -13.76
C ALA A 57 19.59 -2.88 -13.61
N LEU A 58 20.18 -3.28 -14.74
CA LEU A 58 21.48 -3.92 -14.70
C LEU A 58 22.56 -2.94 -14.28
N GLY A 59 22.32 -1.64 -14.46
CA GLY A 59 23.22 -0.61 -13.93
C GLY A 59 23.13 -0.38 -12.44
N GLY A 60 22.14 -0.98 -11.79
CA GLY A 60 21.86 -0.77 -10.38
C GLY A 60 21.86 -2.01 -9.52
N VAL A 61 22.18 -3.18 -10.07
CA VAL A 61 22.03 -4.42 -9.29
C VAL A 61 23.01 -4.52 -8.11
N THR A 62 24.08 -3.72 -8.11
CA THR A 62 25.02 -3.71 -6.96
C THR A 62 24.63 -2.79 -5.85
N GLU A 63 23.58 -1.99 -6.05
CA GLU A 63 23.14 -1.06 -5.01
C GLU A 63 22.71 -1.83 -3.77
N HIS A 64 22.90 -1.20 -2.61
CA HIS A 64 22.51 -1.84 -1.35
C HIS A 64 21.04 -2.20 -1.36
N SER A 65 20.20 -1.33 -1.91
CA SER A 65 18.78 -1.61 -1.94
C SER A 65 18.51 -2.97 -2.58
N VAL A 66 19.12 -3.24 -3.71
CA VAL A 66 18.91 -4.49 -4.42
C VAL A 66 19.55 -5.66 -3.69
N GLN A 67 20.71 -5.41 -3.10
CA GLN A 67 21.35 -6.46 -2.35
C GLN A 67 20.46 -6.89 -1.18
N VAL A 68 19.80 -5.93 -0.56
CA VAL A 68 18.87 -6.27 0.53
C VAL A 68 17.63 -6.99 -0.02
N ALA A 69 17.17 -6.61 -1.20
CA ALA A 69 16.07 -7.35 -1.82
C ALA A 69 16.43 -8.83 -2.04
N LEU A 70 17.68 -9.08 -2.43
CA LEU A 70 18.12 -10.46 -2.58
C LEU A 70 18.18 -11.18 -1.24
N LYS A 71 18.57 -10.47 -0.19
CA LYS A 71 18.52 -11.04 1.14
C LYS A 71 17.09 -11.40 1.58
N TYR A 72 16.14 -10.55 1.22
CA TYR A 72 14.76 -10.86 1.42
C TYR A 72 14.36 -12.12 0.70
N VAL A 73 14.75 -12.27 -0.54
CA VAL A 73 14.44 -13.53 -1.24
C VAL A 73 14.99 -14.78 -0.50
N ALA A 74 16.23 -14.67 -0.01
CA ALA A 74 16.81 -15.76 0.76
C ALA A 74 15.96 -16.04 2.00
N ALA A 75 15.56 -14.96 2.69
CA ALA A 75 14.76 -15.06 3.89
C ALA A 75 13.37 -15.70 3.66
N THR A 76 12.78 -15.56 2.48
CA THR A 76 11.47 -16.15 2.24
C THR A 76 11.54 -17.66 2.05
N GLY A 77 12.70 -18.16 1.60
CA GLY A 77 12.79 -19.55 1.16
C GLY A 77 12.03 -19.84 -0.12
N GLY A 78 11.62 -18.79 -0.84
CA GLY A 78 10.80 -18.98 -2.02
C GLY A 78 11.58 -19.57 -3.18
N SER A 79 10.85 -20.09 -4.16
CA SER A 79 11.42 -20.71 -5.34
C SER A 79 10.43 -20.58 -6.48
N GLY A 80 10.93 -20.68 -7.71
CA GLY A 80 10.08 -20.53 -8.88
C GLY A 80 10.92 -20.45 -10.14
N ASP A 81 10.31 -20.09 -11.24
CA ASP A 81 10.94 -20.08 -12.56
CA ASP A 81 11.09 -20.06 -12.48
C ASP A 81 11.14 -18.68 -13.14
N SER A 82 11.00 -17.64 -12.31
CA SER A 82 11.12 -16.26 -12.80
C SER A 82 12.51 -15.73 -12.44
N LYS A 83 13.23 -15.28 -13.45
CA LYS A 83 14.60 -14.87 -13.30
C LYS A 83 14.78 -13.57 -12.52
N LEU A 84 15.75 -13.55 -11.61
CA LEU A 84 16.20 -12.34 -10.95
C LEU A 84 17.30 -11.75 -11.82
N TRP A 85 17.11 -10.51 -12.28
CA TRP A 85 18.00 -9.92 -13.26
C TRP A 85 19.40 -9.68 -12.70
N GLY A 86 20.41 -10.04 -13.47
CA GLY A 86 21.80 -9.77 -13.11
C GLY A 86 22.45 -10.74 -12.15
N VAL A 87 21.70 -11.75 -11.73
CA VAL A 87 22.25 -12.84 -10.89
C VAL A 87 21.73 -14.18 -11.39
N ASN A 88 22.48 -15.24 -11.12
CA ASN A 88 22.05 -16.55 -11.56
CA ASN A 88 22.07 -16.58 -11.53
C ASN A 88 21.13 -17.17 -10.49
N GLN A 89 19.92 -16.63 -10.42
CA GLN A 89 18.89 -17.07 -9.45
C GLN A 89 17.52 -16.85 -10.06
N ARG A 90 16.58 -17.71 -9.66
CA ARG A 90 15.19 -17.55 -10.01
C ARG A 90 14.37 -17.65 -8.73
N SER A 91 13.20 -17.03 -8.76
CA SER A 91 12.23 -17.23 -7.70
C SER A 91 10.81 -17.20 -8.24
N ASN A 92 9.84 -17.14 -7.33
CA ASN A 92 8.47 -17.06 -7.75
C ASN A 92 8.18 -15.73 -8.40
N MSE A 93 7.09 -15.65 -9.12
CA MSE A 93 6.80 -14.45 -9.92
C MSE A 93 6.59 -13.19 -9.08
O MSE A 93 6.92 -12.08 -9.51
CB MSE A 93 5.59 -14.69 -10.83
CG MSE A 93 4.29 -14.90 -10.11
SE MSE A 93 2.84 -15.25 -11.39
CE MSE A 93 2.40 -17.01 -10.74
N PHE A 94 6.12 -13.37 -7.85
CA PHE A 94 5.84 -12.20 -7.00
C PHE A 94 7.16 -11.58 -6.55
N ASP A 95 8.06 -12.42 -6.05
CA ASP A 95 9.32 -11.93 -5.53
C ASP A 95 10.28 -11.54 -6.64
N ALA A 96 10.20 -12.16 -7.81
CA ALA A 96 10.98 -11.69 -8.92
C ALA A 96 10.55 -10.29 -9.33
N ALA A 97 9.24 -10.06 -9.39
CA ALA A 97 8.76 -8.73 -9.75
C ALA A 97 9.25 -7.71 -8.71
N PHE A 98 9.24 -8.09 -7.43
CA PHE A 98 9.73 -7.21 -6.36
C PHE A 98 11.20 -6.83 -6.58
N VAL A 99 12.05 -7.84 -6.73
CA VAL A 99 13.49 -7.62 -6.86
C VAL A 99 13.80 -6.82 -8.11
N ASN A 100 13.21 -7.21 -9.22
CA ASN A 100 13.52 -6.57 -10.48
C ASN A 100 12.94 -5.17 -10.57
N GLY A 101 11.80 -4.95 -9.94
CA GLY A 101 11.25 -3.58 -9.89
C GLY A 101 12.11 -2.69 -9.02
N MSE A 102 12.62 -3.21 -7.92
CA MSE A 102 13.62 -2.48 -7.10
CA MSE A 102 13.57 -2.43 -7.14
C MSE A 102 14.83 -2.12 -7.96
O MSE A 102 15.31 -0.99 -7.96
CB MSE A 102 14.09 -3.36 -5.92
CB MSE A 102 13.98 -3.16 -5.88
CG MSE A 102 15.06 -2.72 -4.97
CG MSE A 102 14.89 -2.32 -5.06
SE MSE A 102 14.26 -1.74 -3.53
SE MSE A 102 15.13 -3.00 -3.34
CE MSE A 102 13.47 -3.27 -2.87
CE MSE A 102 13.32 -2.87 -2.70
N ALA A 103 15.35 -3.12 -8.65
CA ALA A 103 16.54 -2.92 -9.45
C ALA A 103 16.31 -1.89 -10.55
N ALA A 104 15.14 -1.95 -11.19
CA ALA A 104 14.90 -1.07 -12.33
C ALA A 104 14.86 0.38 -11.94
N HIS A 105 14.63 0.66 -10.65
CA HIS A 105 14.55 2.05 -10.16
C HIS A 105 15.72 2.47 -9.28
N ALA A 106 16.65 1.55 -9.04
CA ALA A 106 17.62 1.71 -7.96
C ALA A 106 18.59 2.89 -8.14
N ILE A 107 18.93 3.21 -9.40
CA ILE A 107 19.83 4.33 -9.64
C ILE A 107 19.17 5.50 -10.40
N ASP A 108 17.83 5.50 -10.45
CA ASP A 108 17.06 6.59 -11.05
C ASP A 108 17.46 6.83 -12.50
N PHE A 109 17.62 5.75 -13.26
CA PHE A 109 18.02 5.83 -14.68
C PHE A 109 16.94 5.31 -15.64
N ASP A 110 15.83 4.84 -15.08
CA ASP A 110 14.69 4.36 -15.86
C ASP A 110 13.83 5.54 -16.36
N ASP A 111 12.93 5.21 -17.27
CA ASP A 111 12.18 6.22 -18.02
C ASP A 111 11.15 6.96 -17.18
N SER A 112 10.71 8.08 -17.73
CA SER A 112 9.63 8.86 -17.14
CA SER A 112 9.63 8.87 -17.16
C SER A 112 8.52 9.05 -18.18
N PHE A 113 7.39 9.53 -17.71
CA PHE A 113 6.20 9.56 -18.55
C PHE A 113 5.36 10.75 -18.08
N PRO A 114 5.40 11.86 -18.83
CA PRO A 114 4.84 13.12 -18.33
C PRO A 114 3.34 13.10 -18.04
N VAL A 115 2.61 12.20 -18.69
CA VAL A 115 1.15 12.07 -18.55
CA VAL A 115 1.17 12.17 -18.51
C VAL A 115 0.80 11.59 -17.15
N MSE A 116 1.70 10.79 -16.55
CA MSE A 116 1.45 10.34 -15.20
CA MSE A 116 1.59 10.19 -15.22
C MSE A 116 2.36 10.99 -14.17
O MSE A 116 2.12 10.85 -12.97
CB MSE A 116 1.46 8.83 -15.11
CB MSE A 116 2.21 8.78 -15.30
CG MSE A 116 2.84 8.19 -15.04
CG MSE A 116 2.88 8.32 -14.02
SE MSE A 116 2.45 6.30 -14.81
SE MSE A 116 3.84 6.68 -14.21
CE MSE A 116 3.80 5.77 -13.54
CE MSE A 116 2.30 5.64 -13.74
N ARG A 117 3.35 11.76 -14.62
CA ARG A 117 4.39 12.29 -13.75
C ARG A 117 5.05 11.19 -12.88
N GLY A 118 5.55 10.18 -13.58
CA GLY A 118 6.20 9.07 -12.92
C GLY A 118 6.86 8.14 -13.89
N HIS A 119 7.29 7.01 -13.34
CA HIS A 119 8.15 6.05 -14.02
C HIS A 119 7.42 4.72 -14.15
N PRO A 120 6.72 4.52 -15.25
CA PRO A 120 5.81 3.37 -15.33
C PRO A 120 6.52 2.06 -15.67
N SER A 121 7.63 2.15 -16.39
CA SER A 121 8.27 0.94 -16.90
C SER A 121 8.97 0.12 -15.81
N SER A 122 9.41 0.76 -14.75
CA SER A 122 10.14 0.04 -13.71
C SER A 122 9.25 -0.87 -12.88
N SER A 123 7.92 -0.74 -12.97
CA SER A 123 7.02 -1.77 -12.43
C SER A 123 6.47 -2.68 -13.54
N LEU A 124 6.15 -2.10 -14.67
CA LEU A 124 5.53 -2.83 -15.74
CA LEU A 124 5.55 -2.84 -15.77
C LEU A 124 6.45 -3.89 -16.35
N VAL A 125 7.69 -3.52 -16.66
CA VAL A 125 8.59 -4.48 -17.32
C VAL A 125 8.94 -5.65 -16.40
N PRO A 126 9.29 -5.38 -15.14
CA PRO A 126 9.45 -6.51 -14.22
C PRO A 126 8.22 -7.40 -14.13
N ALA A 127 7.03 -6.83 -14.07
CA ALA A 127 5.81 -7.66 -13.96
C ALA A 127 5.67 -8.53 -15.22
N ILE A 128 5.92 -7.95 -16.38
CA ILE A 128 5.77 -8.68 -17.63
C ILE A 128 6.78 -9.82 -17.70
N PHE A 129 8.03 -9.57 -17.33
CA PHE A 129 9.01 -10.67 -17.34
C PHE A 129 8.61 -11.75 -16.33
N ALA A 130 8.19 -11.36 -15.14
CA ALA A 130 7.91 -12.32 -14.07
C ALA A 130 6.77 -13.23 -14.48
N VAL A 131 5.68 -12.65 -14.91
CA VAL A 131 4.48 -13.41 -15.30
C VAL A 131 4.71 -14.11 -16.65
N GLY A 132 5.30 -13.40 -17.59
CA GLY A 132 5.48 -13.91 -18.96
C GLY A 132 6.36 -15.16 -18.89
N GLU A 133 7.41 -15.15 -18.09
CA GLU A 133 8.27 -16.34 -17.92
C GLU A 133 7.44 -17.48 -17.32
N HIS A 134 6.59 -17.17 -16.34
CA HIS A 134 5.83 -18.20 -15.65
C HIS A 134 4.85 -18.92 -16.57
N VAL A 135 4.19 -18.16 -17.44
CA VAL A 135 3.16 -18.70 -18.34
C VAL A 135 3.69 -19.07 -19.73
N GLY A 136 4.96 -18.83 -19.97
CA GLY A 136 5.57 -19.13 -21.27
C GLY A 136 5.09 -18.27 -22.42
N ALA A 137 4.90 -16.98 -22.17
CA ALA A 137 4.50 -16.04 -23.19
C ALA A 137 5.58 -15.77 -24.21
N ASN A 138 5.14 -15.38 -25.39
CA ASN A 138 6.05 -14.95 -26.43
C ASN A 138 6.05 -13.44 -26.62
N GLY A 139 7.05 -12.96 -27.34
CA GLY A 139 7.38 -11.55 -27.36
C GLY A 139 6.29 -10.62 -27.80
N HIS A 140 5.53 -11.00 -28.81
CA HIS A 140 4.54 -10.08 -29.34
C HIS A 140 3.51 -9.77 -28.26
N ASN A 141 3.02 -10.80 -27.58
CA ASN A 141 2.05 -10.59 -26.54
C ASN A 141 2.65 -9.82 -25.35
N CYS A 142 3.89 -10.12 -24.99
CA CYS A 142 4.56 -9.38 -23.92
C CYS A 142 4.65 -7.89 -24.26
N LEU A 143 5.08 -7.60 -25.47
CA LEU A 143 5.16 -6.22 -25.88
C LEU A 143 3.78 -5.56 -25.94
N LYS A 144 2.76 -6.29 -26.41
CA LYS A 144 1.42 -5.75 -26.47
C LYS A 144 0.91 -5.42 -25.06
N SER A 145 1.22 -6.30 -24.11
CA SER A 145 0.75 -6.07 -22.73
C SER A 145 1.38 -4.79 -22.15
N TYR A 146 2.61 -4.50 -22.57
CA TYR A 146 3.30 -3.27 -22.16
C TYR A 146 2.59 -2.04 -22.75
N VAL A 147 2.27 -2.08 -24.05
CA VAL A 147 1.55 -0.98 -24.69
C VAL A 147 0.24 -0.70 -23.94
N LEU A 148 -0.48 -1.76 -23.58
CA LEU A 148 -1.79 -1.61 -22.93
C LEU A 148 -1.67 -1.16 -21.48
N GLY A 149 -0.67 -1.66 -20.76
CA GLY A 149 -0.40 -1.17 -19.41
C GLY A 149 -0.08 0.32 -19.41
N ILE A 150 0.73 0.77 -20.36
CA ILE A 150 1.03 2.18 -20.52
C ILE A 150 -0.23 2.96 -20.83
N GLU A 151 -1.09 2.40 -21.68
CA GLU A 151 -2.32 3.12 -22.05
C GLU A 151 -3.23 3.33 -20.82
N VAL A 152 -3.33 2.32 -19.96
CA VAL A 152 -4.07 2.43 -18.73
C VAL A 152 -3.47 3.51 -17.85
N VAL A 153 -2.15 3.47 -17.61
CA VAL A 153 -1.47 4.45 -16.75
CA VAL A 153 -1.62 4.48 -16.69
C VAL A 153 -1.69 5.89 -17.30
N ALA A 154 -1.62 6.03 -18.63
CA ALA A 154 -1.82 7.35 -19.25
C ALA A 154 -3.23 7.86 -18.96
N THR A 155 -4.21 6.98 -19.08
CA THR A 155 -5.61 7.32 -18.82
C THR A 155 -5.78 7.79 -17.38
N LEU A 156 -5.26 7.02 -16.44
CA LEU A 156 -5.39 7.39 -15.01
C LEU A 156 -4.65 8.68 -14.71
N GLY A 157 -3.50 8.85 -15.34
CA GLY A 157 -2.70 10.06 -15.17
C GLY A 157 -3.47 11.29 -15.63
N ARG A 158 -4.10 11.19 -16.78
CA ARG A 158 -4.88 12.32 -17.31
C ARG A 158 -6.04 12.64 -16.38
N ALA A 159 -6.66 11.60 -15.86
CA ALA A 159 -7.78 11.80 -14.96
C ALA A 159 -7.39 12.53 -13.69
N VAL A 160 -6.28 12.16 -13.04
CA VAL A 160 -5.90 12.72 -11.77
CA VAL A 160 -5.94 12.76 -11.75
C VAL A 160 -5.28 14.12 -11.92
N GLY A 161 -4.59 14.34 -13.04
CA GLY A 161 -3.95 15.66 -13.28
C GLY A 161 -2.78 15.95 -12.36
N LYS A 162 -2.51 17.24 -12.15
CA LYS A 162 -1.26 17.67 -11.56
C LYS A 162 -1.22 17.61 -10.04
N GLY A 163 -2.38 17.63 -9.40
CA GLY A 163 -2.43 17.82 -7.96
C GLY A 163 -1.92 16.66 -7.13
N HIS A 164 -1.98 15.45 -7.70
CA HIS A 164 -1.68 14.22 -6.95
C HIS A 164 -0.22 14.20 -6.51
N TYR A 165 0.68 14.44 -7.45
CA TYR A 165 2.09 14.54 -7.15
C TYR A 165 2.37 15.71 -6.20
N LEU A 166 1.73 16.85 -6.47
CA LEU A 166 1.96 18.02 -5.65
C LEU A 166 1.48 17.83 -4.21
N ALA A 167 0.53 16.92 -4.02
CA ALA A 167 0.02 16.57 -2.70
C ALA A 167 0.93 15.63 -1.89
N GLY A 168 1.95 15.06 -2.53
CA GLY A 168 2.97 14.32 -1.85
C GLY A 168 3.03 12.83 -2.19
N TRP A 169 2.13 12.38 -3.07
CA TRP A 169 2.10 10.97 -3.54
CA TRP A 169 2.15 10.97 -3.49
C TRP A 169 3.08 10.77 -4.67
N HIS A 170 3.68 9.59 -4.75
CA HIS A 170 4.57 9.25 -5.84
C HIS A 170 3.81 8.48 -6.91
N PRO A 171 3.43 9.13 -8.02
CA PRO A 171 2.52 8.48 -8.97
C PRO A 171 3.14 7.25 -9.60
N THR A 172 4.46 7.20 -9.61
CA THR A 172 5.18 6.02 -10.04
C THR A 172 4.61 4.75 -9.45
N SER A 173 4.30 4.76 -8.17
CA SER A 173 3.72 3.59 -7.51
C SER A 173 2.21 3.69 -7.33
N THR A 174 1.67 4.87 -6.97
CA THR A 174 0.24 4.98 -6.73
C THR A 174 -0.56 4.65 -7.98
N LEU A 175 -0.08 5.08 -9.14
CA LEU A 175 -0.70 4.79 -10.44
C LEU A 175 0.00 3.65 -11.18
N GLY A 176 1.30 3.48 -10.95
CA GLY A 176 2.08 2.47 -11.65
C GLY A 176 1.58 1.06 -11.34
N VAL A 177 1.08 0.85 -10.14
CA VAL A 177 0.56 -0.45 -9.76
C VAL A 177 -0.52 -0.92 -10.71
N PHE A 178 -1.31 0.02 -11.25
CA PHE A 178 -2.37 -0.36 -12.19
C PHE A 178 -1.83 -0.77 -13.54
N GLY A 179 -0.71 -0.20 -13.97
CA GLY A 179 -0.06 -0.63 -15.20
C GLY A 179 0.40 -2.06 -15.09
N ALA A 180 1.13 -2.35 -14.01
CA ALA A 180 1.65 -3.68 -13.77
C ALA A 180 0.47 -4.68 -13.66
N THR A 181 -0.61 -4.25 -13.00
CA THR A 181 -1.78 -5.11 -12.81
C THR A 181 -2.36 -5.45 -14.17
N THR A 182 -2.46 -4.45 -15.03
CA THR A 182 -3.09 -4.66 -16.33
C THR A 182 -2.32 -5.67 -17.14
N ALA A 183 -1.02 -5.45 -17.30
CA ALA A 183 -0.22 -6.37 -18.09
C ALA A 183 -0.21 -7.79 -17.53
N ALA A 184 -0.08 -7.91 -16.20
CA ALA A 184 -0.06 -9.21 -15.59
C ALA A 184 -1.38 -9.91 -15.83
N ALA A 185 -2.49 -9.19 -15.66
CA ALA A 185 -3.81 -9.82 -15.79
C ALA A 185 -3.99 -10.35 -17.21
N LEU A 186 -3.61 -9.54 -18.18
CA LEU A 186 -3.75 -9.96 -19.60
C LEU A 186 -2.93 -11.21 -19.86
N LEU A 187 -1.70 -11.25 -19.40
CA LEU A 187 -0.81 -12.40 -19.60
C LEU A 187 -1.30 -13.66 -18.88
N LEU A 188 -2.02 -13.47 -17.77
CA LEU A 188 -2.59 -14.60 -17.03
C LEU A 188 -3.92 -15.04 -17.63
N GLY A 189 -4.41 -14.34 -18.63
CA GLY A 189 -5.64 -14.73 -19.35
C GLY A 189 -6.90 -14.08 -18.88
N ALA A 190 -6.81 -13.00 -18.13
CA ALA A 190 -8.00 -12.31 -17.64
C ALA A 190 -9.00 -11.94 -18.71
N ASP A 191 -10.28 -12.10 -18.37
CA ASP A 191 -11.34 -11.48 -19.15
C ASP A 191 -11.69 -10.12 -18.56
N GLU A 192 -12.70 -9.43 -19.09
CA GLU A 192 -13.03 -8.10 -18.59
C GLU A 192 -13.34 -8.10 -17.10
N GLU A 193 -14.11 -9.09 -16.64
CA GLU A 193 -14.52 -9.16 -15.24
C GLU A 193 -13.31 -9.33 -14.32
N GLN A 194 -12.41 -10.22 -14.72
CA GLN A 194 -11.19 -10.49 -13.93
C GLN A 194 -10.31 -9.25 -13.93
N LEU A 195 -10.20 -8.58 -15.05
CA LEU A 195 -9.42 -7.35 -15.10
C LEU A 195 -9.98 -6.26 -14.19
N ARG A 196 -11.31 -6.05 -14.20
CA ARG A 196 -11.94 -5.10 -13.30
C ARG A 196 -11.69 -5.42 -11.85
N ASN A 197 -11.84 -6.70 -11.51
CA ASN A 197 -11.58 -7.17 -10.17
CA ASN A 197 -11.57 -7.15 -10.13
C ASN A 197 -10.12 -6.90 -9.75
N ALA A 198 -9.20 -7.18 -10.67
CA ALA A 198 -7.76 -6.98 -10.43
C ALA A 198 -7.47 -5.53 -10.10
N TRP A 199 -8.06 -4.61 -10.85
CA TRP A 199 -7.84 -3.19 -10.58
C TRP A 199 -8.38 -2.78 -9.21
N GLY A 200 -9.52 -3.36 -8.81
CA GLY A 200 -10.06 -3.17 -7.46
C GLY A 200 -9.09 -3.60 -6.37
N ILE A 201 -8.53 -4.77 -6.56
CA ILE A 201 -7.56 -5.30 -5.60
C ILE A 201 -6.37 -4.34 -5.53
N ALA A 202 -5.89 -3.96 -6.70
CA ALA A 202 -4.72 -3.09 -6.80
C ALA A 202 -4.93 -1.74 -6.13
N ALA A 203 -6.16 -1.22 -6.20
CA ALA A 203 -6.43 0.10 -5.64
C ALA A 203 -6.23 0.15 -4.16
N SER A 204 -6.41 -0.97 -3.49
CA SER A 204 -6.15 -1.04 -2.06
C SER A 204 -4.64 -1.28 -1.75
N ASN A 205 -3.82 -1.37 -2.80
CA ASN A 205 -2.37 -1.54 -2.71
C ASN A 205 -1.63 -0.43 -3.48
N SER A 206 -2.25 0.72 -3.56
CA SER A 206 -1.72 1.89 -4.23
C SER A 206 -1.13 2.78 -3.14
N CYS A 207 0.18 2.98 -3.18
CA CYS A 207 0.91 3.63 -2.10
CA CYS A 207 0.89 3.64 -2.11
C CYS A 207 2.21 4.21 -2.63
N GLY A 208 2.89 4.93 -1.74
CA GLY A 208 4.22 5.50 -2.01
C GLY A 208 4.20 7.03 -1.94
N ILE A 209 5.13 7.58 -1.17
CA ILE A 209 5.18 9.04 -0.95
C ILE A 209 6.53 9.65 -1.29
N ILE A 210 6.47 10.90 -1.72
CA ILE A 210 7.64 11.65 -2.16
C ILE A 210 8.64 11.94 -1.02
N LYS A 211 8.15 12.00 0.22
CA LYS A 211 9.08 12.26 1.32
C LYS A 211 10.16 11.19 1.45
N ASN A 212 9.94 10.02 0.84
CA ASN A 212 10.96 8.96 0.83
C ASN A 212 11.99 9.05 -0.30
N PHE A 213 11.91 10.10 -1.12
CA PHE A 213 12.93 10.34 -2.16
C PHE A 213 14.26 10.58 -1.48
N GLY A 214 15.32 10.05 -2.06
CA GLY A 214 16.65 10.12 -1.43
C GLY A 214 16.96 9.06 -0.40
N THR A 215 16.08 8.05 -0.31
CA THR A 215 16.30 6.90 0.54
C THR A 215 16.05 5.68 -0.34
N MSE A 216 16.38 4.51 0.21
CA MSE A 216 16.20 3.24 -0.51
C MSE A 216 14.73 2.86 -0.68
O MSE A 216 14.39 1.96 -1.46
CB MSE A 216 16.98 2.13 0.16
CG MSE A 216 18.43 2.37 0.14
SE MSE A 216 19.41 1.05 1.11
CE MSE A 216 20.98 2.20 1.33
N THR A 217 13.86 3.54 0.05
CA THR A 217 12.43 3.28 -0.06
C THR A 217 11.90 3.70 -1.42
N LYS A 218 12.53 4.69 -2.07
CA LYS A 218 12.04 5.09 -3.40
C LYS A 218 12.06 3.94 -4.41
N PRO A 219 13.19 3.24 -4.58
CA PRO A 219 13.09 2.08 -5.48
C PRO A 219 12.18 0.97 -5.01
N MSE A 220 11.92 0.90 -3.71
CA MSE A 220 10.98 -0.07 -3.21
C MSE A 220 9.59 0.26 -3.74
O MSE A 220 8.78 -0.62 -3.86
CB MSE A 220 10.97 -0.13 -1.70
CG MSE A 220 10.17 -1.31 -1.16
SE MSE A 220 9.97 -1.10 0.79
CE MSE A 220 8.86 -2.62 1.11
N HIS A 221 9.29 1.52 -4.03
CA HIS A 221 7.99 1.87 -4.59
C HIS A 221 7.68 1.05 -5.83
N THR A 222 8.67 0.95 -6.72
CA THR A 222 8.47 0.22 -7.97
C THR A 222 8.54 -1.31 -7.74
N GLY A 223 9.39 -1.79 -6.84
CA GLY A 223 9.37 -3.20 -6.48
C GLY A 223 8.01 -3.58 -5.92
N SER A 224 7.51 -2.83 -4.95
CA SER A 224 6.19 -3.09 -4.40
C SER A 224 5.08 -2.97 -5.43
N ALA A 225 5.16 -1.97 -6.29
CA ALA A 225 4.11 -1.80 -7.34
C ALA A 225 4.11 -2.98 -8.32
N ALA A 226 5.30 -3.44 -8.69
CA ALA A 226 5.41 -4.58 -9.58
C ALA A 226 4.83 -5.83 -8.91
N ARG A 227 5.27 -6.08 -7.68
CA ARG A 227 4.81 -7.26 -6.92
C ARG A 227 3.31 -7.21 -6.69
N ASN A 228 2.82 -6.05 -6.27
CA ASN A 228 1.39 -5.91 -5.98
C ASN A 228 0.57 -5.98 -7.27
N GLY A 229 1.11 -5.53 -8.39
CA GLY A 229 0.43 -5.68 -9.67
C GLY A 229 0.29 -7.15 -10.05
N VAL A 230 1.38 -7.88 -9.91
CA VAL A 230 1.36 -9.32 -10.21
C VAL A 230 0.39 -10.02 -9.28
N LEU A 231 0.49 -9.73 -7.99
CA LEU A 231 -0.38 -10.37 -7.01
C LEU A 231 -1.84 -10.04 -7.24
N SER A 232 -2.17 -8.80 -7.47
CA SER A 232 -3.55 -8.40 -7.72
C SER A 232 -4.12 -9.17 -8.90
N ALA A 233 -3.36 -9.26 -9.99
CA ALA A 233 -3.81 -9.99 -11.18
C ALA A 233 -3.97 -11.50 -10.85
N TRP A 234 -2.98 -12.07 -10.17
CA TRP A 234 -3.03 -13.48 -9.82
C TRP A 234 -4.25 -13.77 -8.94
N LEU A 235 -4.48 -12.93 -7.94
CA LEU A 235 -5.63 -13.10 -7.03
C LEU A 235 -6.94 -13.07 -7.80
N SER A 236 -7.04 -12.17 -8.75
CA SER A 236 -8.27 -12.07 -9.54
CA SER A 236 -8.25 -12.04 -9.59
CA SER A 236 -8.27 -12.06 -9.55
C SER A 236 -8.57 -13.35 -10.30
N MSE A 237 -7.54 -14.08 -10.69
CA MSE A 237 -7.72 -15.34 -11.43
C MSE A 237 -8.17 -16.46 -10.51
O MSE A 237 -8.60 -17.52 -10.99
CB MSE A 237 -6.42 -15.73 -12.14
CG MSE A 237 -5.91 -14.68 -13.13
SE MSE A 237 -7.22 -14.07 -14.43
CE MSE A 237 -7.46 -15.71 -15.39
N GLN A 238 -8.06 -16.26 -9.19
CA GLN A 238 -8.49 -17.23 -8.19
C GLN A 238 -9.90 -16.94 -7.66
N SER A 239 -10.67 -16.11 -8.36
CA SER A 239 -11.98 -15.67 -7.89
C SER A 239 -11.90 -14.95 -6.53
N PHE A 240 -10.81 -14.25 -6.30
CA PHE A 240 -10.67 -13.36 -5.17
C PHE A 240 -11.21 -12.01 -5.60
N THR A 241 -12.12 -11.44 -4.83
CA THR A 241 -12.86 -10.27 -5.26
C THR A 241 -12.32 -8.93 -4.78
N GLY A 242 -12.45 -7.93 -5.64
CA GLY A 242 -12.25 -6.53 -5.31
C GLY A 242 -13.33 -5.74 -6.00
N CYS A 243 -13.45 -4.46 -5.68
CA CYS A 243 -14.48 -3.62 -6.28
C CYS A 243 -14.28 -3.56 -7.77
N GLN A 244 -15.34 -3.78 -8.55
CA GLN A 244 -15.25 -3.75 -10.02
C GLN A 244 -15.53 -2.40 -10.67
N THR A 245 -15.72 -1.37 -9.86
CA THR A 245 -15.92 0.00 -10.34
C THR A 245 -15.01 0.96 -9.59
N VAL A 246 -13.78 0.51 -9.34
CA VAL A 246 -12.94 1.22 -8.40
C VAL A 246 -12.44 2.59 -8.85
N PHE A 247 -12.49 2.86 -10.17
CA PHE A 247 -12.08 4.15 -10.73
C PHE A 247 -13.23 5.14 -10.74
N ASP A 248 -14.44 4.68 -10.44
CA ASP A 248 -15.64 5.54 -10.50
C ASP A 248 -16.05 6.16 -9.20
N ASP A 249 -16.77 7.29 -9.30
CA ASP A 249 -17.43 7.92 -8.14
C ASP A 249 -16.48 8.59 -7.18
N ALA A 250 -17.04 9.38 -6.26
CA ALA A 250 -16.24 10.05 -5.24
C ALA A 250 -15.51 9.08 -4.31
N GLU A 251 -16.07 7.89 -4.15
CA GLU A 251 -15.48 6.88 -3.29
C GLU A 251 -14.33 6.12 -4.01
N GLY A 252 -14.23 6.29 -5.33
CA GLY A 252 -13.23 5.63 -6.14
C GLY A 252 -11.86 6.27 -6.03
N ILE A 253 -10.85 5.48 -6.36
CA ILE A 253 -9.47 5.89 -6.09
C ILE A 253 -9.05 7.12 -6.90
N LEU A 254 -9.59 7.29 -8.11
CA LEU A 254 -9.22 8.48 -8.91
C LEU A 254 -9.73 9.77 -8.27
N ALA A 255 -10.99 9.77 -7.84
CA ALA A 255 -11.51 10.92 -7.08
C ALA A 255 -10.74 11.16 -5.80
N MSE A 256 -10.37 10.09 -5.09
CA MSE A 256 -9.60 10.25 -3.86
C MSE A 256 -8.27 10.93 -4.12
O MSE A 256 -7.76 11.68 -3.29
CB MSE A 256 -9.42 8.89 -3.18
CG MSE A 256 -10.70 8.37 -2.60
SE MSE A 256 -10.46 6.54 -1.97
CE MSE A 256 -9.13 6.92 -0.71
N TYR A 257 -7.73 10.69 -5.31
CA TYR A 257 -6.50 11.30 -5.75
C TYR A 257 -6.66 12.63 -6.49
N GLY A 258 -7.90 13.14 -6.55
CA GLY A 258 -8.17 14.48 -7.08
C GLY A 258 -8.83 14.56 -8.43
N ALA A 259 -9.18 13.44 -9.03
CA ALA A 259 -9.90 13.49 -10.29
C ALA A 259 -11.29 14.03 -10.05
N GLN A 260 -11.85 14.70 -11.06
CA GLN A 260 -13.26 15.03 -11.06
C GLN A 260 -14.06 13.78 -11.46
N PRO A 261 -14.80 13.17 -10.53
CA PRO A 261 -15.56 11.99 -10.96
C PRO A 261 -16.70 12.39 -11.89
N GLY A 262 -17.37 11.40 -12.46
CA GLY A 262 -18.52 11.65 -13.34
C GLY A 262 -18.12 11.77 -14.79
N PRO A 263 -18.94 12.48 -15.61
CA PRO A 263 -18.73 12.42 -17.06
C PRO A 263 -17.36 12.92 -17.52
N GLU A 264 -16.76 13.81 -16.73
CA GLU A 264 -15.44 14.36 -17.06
C GLU A 264 -14.35 13.29 -17.13
N LEU A 265 -14.49 12.24 -16.32
CA LEU A 265 -13.55 11.11 -16.33
C LEU A 265 -13.36 10.50 -17.72
N PHE A 266 -14.45 10.33 -18.47
CA PHE A 266 -14.38 9.69 -19.78
C PHE A 266 -13.48 10.41 -20.76
N ASN A 267 -13.31 11.72 -20.55
CA ASN A 267 -12.38 12.50 -21.36
C ASN A 267 -10.97 11.89 -21.34
N ALA A 268 -10.58 11.34 -20.19
CA ALA A 268 -9.24 10.71 -20.05
C ALA A 268 -8.98 9.55 -21.03
N MSE A 269 -10.03 8.88 -21.50
CA MSE A 269 -9.87 7.74 -22.40
C MSE A 269 -10.46 7.98 -23.77
O MSE A 269 -10.62 7.04 -24.53
CB MSE A 269 -10.48 6.46 -21.80
CG MSE A 269 -11.98 6.46 -21.69
SE MSE A 269 -12.54 4.76 -20.91
CE MSE A 269 -12.08 3.69 -22.21
N GLN A 270 -10.76 9.23 -24.09
CA GLN A 270 -11.43 9.55 -25.34
C GLN A 270 -10.63 9.16 -26.59
N LYS A 271 -9.32 9.15 -26.49
CA LYS A 271 -8.45 8.87 -27.63
C LYS A 271 -7.68 7.56 -27.44
N PHE A 272 -8.30 6.63 -26.71
CA PHE A 272 -7.63 5.38 -26.30
C PHE A 272 -7.04 4.71 -27.51
N GLY A 273 -5.72 4.57 -27.53
CA GLY A 273 -5.06 3.89 -28.63
C GLY A 273 -4.96 4.68 -29.93
N THR A 274 -5.35 5.95 -29.90
CA THR A 274 -5.40 6.77 -31.11
C THR A 274 -4.96 8.20 -30.81
N PRO A 275 -3.64 8.43 -30.64
CA PRO A 275 -2.56 7.47 -30.72
C PRO A 275 -2.26 6.80 -29.38
N TRP A 276 -1.50 5.71 -29.43
CA TRP A 276 -1.06 5.04 -28.21
C TRP A 276 -0.16 5.97 -27.44
N ALA A 277 -0.34 6.02 -26.12
CA ALA A 277 0.41 6.95 -25.31
C ALA A 277 1.89 6.55 -25.25
N ILE A 278 2.18 5.28 -25.54
CA ILE A 278 3.58 4.83 -25.59
C ILE A 278 4.32 5.40 -26.79
N ILE A 279 3.55 5.91 -27.77
CA ILE A 279 4.14 6.59 -28.93
CA ILE A 279 4.07 6.60 -28.97
C ILE A 279 4.04 8.10 -28.76
N ALA A 280 2.93 8.60 -28.23
CA ALA A 280 2.74 10.05 -28.02
C ALA A 280 2.07 10.30 -26.67
N PRO A 281 2.77 10.92 -25.72
CA PRO A 281 4.09 11.57 -25.80
C PRO A 281 5.28 10.61 -25.75
N GLY A 282 5.01 9.34 -25.53
CA GLY A 282 6.04 8.34 -25.38
C GLY A 282 6.75 8.33 -24.04
N LEU A 283 7.60 7.32 -23.89
CA LEU A 283 8.44 7.15 -22.72
C LEU A 283 9.62 8.09 -22.88
N TYR A 284 10.01 8.77 -21.82
CA TYR A 284 11.13 9.68 -21.86
C TYR A 284 12.35 8.96 -21.29
N LYS A 285 13.33 8.74 -22.14
CA LYS A 285 14.52 7.99 -21.78
C LYS A 285 15.59 8.94 -21.25
N LYS A 286 16.12 8.58 -20.07
CA LYS A 286 17.11 9.39 -19.39
C LYS A 286 18.50 9.26 -19.94
N SER A 287 19.15 10.41 -20.10
CA SER A 287 20.56 10.43 -20.49
C SER A 287 21.49 10.35 -19.30
N TRP A 288 20.99 10.71 -18.13
CA TRP A 288 21.77 10.74 -16.88
C TRP A 288 20.98 10.06 -15.79
N PRO A 289 21.69 9.32 -14.91
CA PRO A 289 21.06 8.62 -13.79
C PRO A 289 20.78 9.53 -12.60
N SER A 290 19.76 10.35 -12.76
CA SER A 290 19.35 11.27 -11.68
C SER A 290 17.96 11.80 -12.00
N CYS A 291 17.40 12.57 -11.08
CA CYS A 291 16.07 13.14 -11.19
C CYS A 291 15.95 13.99 -12.46
N TYR A 292 14.83 13.88 -13.17
CA TYR A 292 14.59 14.60 -14.39
C TYR A 292 14.67 16.11 -14.27
N ALA A 293 14.43 16.64 -13.07
CA ALA A 293 14.55 18.09 -12.85
C ALA A 293 16.00 18.58 -13.02
N ASN A 294 16.96 17.66 -13.05
CA ASN A 294 18.36 18.00 -13.34
C ASN A 294 18.66 18.09 -14.85
N HIS A 295 17.79 17.57 -15.70
CA HIS A 295 18.24 17.21 -17.04
C HIS A 295 18.26 18.35 -18.06
N LYS A 296 17.22 19.19 -18.07
CA LYS A 296 17.34 20.39 -18.91
C LYS A 296 18.54 21.26 -18.48
N PRO A 297 18.72 21.49 -17.17
CA PRO A 297 19.91 22.18 -16.73
C PRO A 297 21.21 21.57 -17.23
N LEU A 298 21.35 20.24 -17.16
CA LEU A 298 22.56 19.60 -17.63
C LEU A 298 22.73 19.75 -19.12
N ALA A 299 21.66 19.55 -19.89
CA ALA A 299 21.75 19.69 -21.35
C ALA A 299 22.21 21.10 -21.71
N GLY A 300 21.65 22.10 -21.05
CA GLY A 300 22.06 23.47 -21.29
C GLY A 300 23.50 23.73 -20.96
N LEU A 301 23.93 23.25 -19.80
CA LEU A 301 25.29 23.46 -19.38
C LEU A 301 26.27 22.81 -20.32
N PHE A 302 26.00 21.57 -20.68
CA PHE A 302 26.92 20.89 -21.60
C PHE A 302 26.95 21.55 -22.95
N ALA A 303 25.82 22.06 -23.40
CA ALA A 303 25.77 22.79 -24.66
C ALA A 303 26.59 24.10 -24.63
N ILE A 304 26.46 24.86 -23.57
CA ILE A 304 27.25 26.08 -23.40
C ILE A 304 28.74 25.73 -23.37
N MSE A 305 29.12 24.70 -22.65
CA MSE A 305 30.54 24.32 -22.52
C MSE A 305 31.08 23.94 -23.90
O MSE A 305 32.20 24.33 -24.27
CB MSE A 305 30.75 23.19 -21.54
CG MSE A 305 30.47 23.65 -20.13
SE MSE A 305 30.51 22.17 -18.80
CE MSE A 305 32.28 21.84 -18.71
N LYS A 306 30.28 23.23 -24.67
CA LYS A 306 30.71 22.74 -25.98
C LYS A 306 30.78 23.89 -26.98
N GLU A 307 29.77 24.74 -27.00
CA GLU A 307 29.69 25.81 -27.99
C GLU A 307 30.70 26.91 -27.76
N HIS A 308 30.95 27.20 -26.49
CA HIS A 308 31.86 28.30 -26.11
C HIS A 308 33.28 27.82 -25.76
N GLY A 309 33.51 26.51 -25.81
CA GLY A 309 34.82 25.95 -25.50
C GLY A 309 35.25 26.16 -24.07
N LEU A 310 34.31 26.02 -23.13
CA LEU A 310 34.58 26.19 -21.70
C LEU A 310 34.66 24.87 -20.99
N THR A 311 35.57 24.74 -20.02
CA THR A 311 35.55 23.65 -19.05
C THR A 311 35.09 24.20 -17.72
N GLY A 312 34.96 23.34 -16.73
CA GLY A 312 34.54 23.76 -15.40
C GLY A 312 35.48 24.77 -14.79
N GLN A 313 36.75 24.66 -15.16
CA GLN A 313 37.78 25.57 -14.62
C GLN A 313 37.59 27.00 -15.13
N ASP A 314 36.81 27.16 -16.19
CA ASP A 314 36.51 28.46 -16.81
C ASP A 314 35.21 29.07 -16.33
N ILE A 315 34.54 28.39 -15.41
CA ILE A 315 33.19 28.77 -14.97
C ILE A 315 33.22 29.01 -13.48
N SER A 316 32.79 30.18 -13.05
CA SER A 316 32.82 30.51 -11.62
C SER A 316 31.51 30.22 -10.87
N HIS A 317 30.40 30.12 -11.60
CA HIS A 317 29.11 29.91 -10.98
C HIS A 317 28.10 29.51 -12.04
N VAL A 318 27.11 28.74 -11.62
CA VAL A 318 25.96 28.39 -12.46
C VAL A 318 24.67 28.60 -11.66
N ASP A 319 23.79 29.45 -12.20
CA ASP A 319 22.44 29.67 -11.65
C ASP A 319 21.48 28.81 -12.44
N VAL A 320 20.65 28.05 -11.73
CA VAL A 320 19.68 27.16 -12.37
C VAL A 320 18.26 27.49 -11.93
N GLY A 321 17.41 27.74 -12.92
CA GLY A 321 16.03 28.13 -12.68
C GLY A 321 15.04 26.97 -12.70
N PHE A 322 13.96 27.11 -11.93
CA PHE A 322 12.90 26.10 -11.84
C PHE A 322 11.52 26.76 -11.88
N LEU A 323 10.68 26.29 -12.77
CA LEU A 323 9.26 26.70 -12.83
C LEU A 323 8.51 26.14 -11.64
N PRO A 324 7.33 26.70 -11.34
CA PRO A 324 6.60 26.17 -10.18
C PRO A 324 6.32 24.70 -10.35
N GLY A 325 6.48 23.97 -9.24
CA GLY A 325 6.18 22.55 -9.19
C GLY A 325 7.34 21.65 -9.62
N VAL A 326 8.40 22.25 -10.16
CA VAL A 326 9.51 21.47 -10.76
C VAL A 326 10.58 21.12 -9.75
N GLU A 327 10.90 22.07 -8.86
CA GLU A 327 11.96 21.86 -7.90
C GLU A 327 11.59 20.85 -6.80
N LYS A 328 10.29 20.61 -6.60
CA LYS A 328 9.77 19.77 -5.52
C LYS A 328 10.64 18.54 -5.18
N PRO A 329 10.95 17.68 -6.16
CA PRO A 329 11.72 16.46 -5.82
C PRO A 329 13.21 16.64 -5.48
N LEU A 330 13.76 17.83 -5.77
CA LEU A 330 15.18 18.07 -5.56
C LEU A 330 15.41 18.45 -4.10
N LEU A 331 15.20 17.46 -3.24
CA LEU A 331 15.09 17.69 -1.81
C LEU A 331 16.37 18.03 -1.14
N TYR A 332 17.52 17.80 -1.78
CA TYR A 332 18.83 17.88 -1.12
C TYR A 332 19.76 18.89 -1.78
N MSE A 333 20.12 19.90 -1.01
CA MSE A 333 21.11 20.88 -1.46
C MSE A 333 22.53 20.51 -1.03
O MSE A 333 23.49 21.03 -1.58
CB MSE A 333 20.77 22.26 -0.92
CG MSE A 333 19.49 22.83 -1.48
SE MSE A 333 19.07 24.60 -0.78
CE MSE A 333 20.77 25.45 -0.97
N ASP A 334 22.63 19.62 -0.04
CA ASP A 334 23.92 19.16 0.46
C ASP A 334 23.86 17.63 0.66
N PRO A 335 23.75 16.89 -0.45
CA PRO A 335 23.50 15.47 -0.31
C PRO A 335 24.68 14.74 0.30
N ARG A 336 24.38 13.74 1.13
CA ARG A 336 25.38 13.01 1.88
C ARG A 336 25.43 11.52 1.53
N THR A 337 24.49 11.07 0.70
CA THR A 337 24.48 9.68 0.26
C THR A 337 24.29 9.65 -1.25
N THR A 338 24.58 8.50 -1.85
CA THR A 338 24.44 8.31 -3.28
CA THR A 338 24.43 8.30 -3.28
C THR A 338 22.99 8.54 -3.71
N GLU A 339 22.04 8.11 -2.89
CA GLU A 339 20.62 8.30 -3.23
C GLU A 339 20.22 9.76 -3.17
N GLU A 340 20.71 10.48 -2.16
CA GLU A 340 20.40 11.89 -2.03
C GLU A 340 20.93 12.69 -3.20
N ALA A 341 22.11 12.32 -3.69
CA ALA A 341 22.76 13.11 -4.75
C ALA A 341 21.95 13.17 -6.06
N LYS A 342 21.18 12.12 -6.30
CA LYS A 342 20.35 12.04 -7.49
C LYS A 342 19.24 13.09 -7.45
N PHE A 343 18.98 13.63 -6.24
CA PHE A 343 17.93 14.62 -6.00
C PHE A 343 18.54 15.98 -5.58
N SER A 344 19.70 16.29 -6.16
CA SER A 344 20.44 17.51 -5.88
C SER A 344 20.95 18.12 -7.16
N ILE A 345 20.47 19.31 -7.53
CA ILE A 345 21.01 20.01 -8.70
C ILE A 345 22.48 20.40 -8.47
N GLU A 346 22.84 20.61 -7.21
CA GLU A 346 24.19 20.98 -6.84
C GLU A 346 25.18 19.89 -7.19
N ALA A 347 24.80 18.65 -6.86
CA ALA A 347 25.65 17.49 -7.18
C ALA A 347 25.70 17.26 -8.69
N ASN A 348 24.57 17.44 -9.38
CA ASN A 348 24.52 17.15 -10.80
C ASN A 348 25.36 18.12 -11.60
N ILE A 349 25.10 19.41 -11.37
CA ILE A 349 25.85 20.43 -12.05
C ILE A 349 27.32 20.42 -11.58
N GLY A 350 27.54 20.19 -10.29
CA GLY A 350 28.92 20.10 -9.78
C GLY A 350 29.74 19.04 -10.49
N ALA A 351 29.16 17.85 -10.65
CA ALA A 351 29.84 16.79 -11.41
C ALA A 351 30.10 17.18 -12.85
N ALA A 352 29.11 17.80 -13.52
CA ALA A 352 29.28 18.26 -14.88
C ALA A 352 30.43 19.23 -15.01
N LEU A 353 30.52 20.16 -14.06
CA LEU A 353 31.62 21.14 -14.12
C LEU A 353 32.97 20.48 -13.87
N LEU A 354 33.04 19.63 -12.87
CA LEU A 354 34.32 19.02 -12.49
C LEU A 354 34.82 18.03 -13.53
N ASP A 355 33.94 17.13 -13.97
CA ASP A 355 34.33 16.00 -14.83
C ASP A 355 34.02 16.19 -16.31
N GLY A 356 33.17 17.16 -16.63
CA GLY A 356 32.72 17.40 -18.00
C GLY A 356 31.66 16.43 -18.49
N GLU A 357 31.11 15.66 -17.56
CA GLU A 357 30.13 14.62 -17.89
C GLU A 357 29.47 14.20 -16.59
N VAL A 358 28.30 13.60 -16.70
CA VAL A 358 27.65 12.94 -15.58
C VAL A 358 27.41 11.50 -16.00
N SER A 359 27.86 10.59 -15.16
CA SER A 359 27.89 9.18 -15.51
C SER A 359 27.38 8.35 -14.35
N LEU A 360 27.34 7.03 -14.58
CA LEU A 360 27.02 6.10 -13.55
C LEU A 360 27.89 6.28 -12.30
N ALA A 361 29.16 6.57 -12.51
CA ALA A 361 30.09 6.72 -11.40
C ALA A 361 29.99 8.03 -10.65
N SER A 362 29.41 9.07 -11.25
CA SER A 362 29.36 10.39 -10.64
C SER A 362 28.76 10.42 -9.25
N PHE A 363 27.80 9.53 -8.98
CA PHE A 363 27.06 9.57 -7.72
C PHE A 363 27.47 8.46 -6.76
N GLU A 364 28.50 7.70 -7.14
CA GLU A 364 29.14 6.77 -6.20
C GLU A 364 29.71 7.57 -5.03
N ILE A 365 29.57 7.05 -3.82
CA ILE A 365 29.87 7.83 -2.62
C ILE A 365 31.32 8.30 -2.60
N GLU A 366 32.23 7.47 -3.11
CA GLU A 366 33.66 7.84 -3.23
C GLU A 366 33.86 9.09 -4.10
N HIS A 367 33.15 9.16 -5.23
CA HIS A 367 33.23 10.34 -6.10
C HIS A 367 32.51 11.54 -5.49
N LEU A 368 31.37 11.31 -4.84
CA LEU A 368 30.60 12.38 -4.23
CA LEU A 368 30.61 12.39 -4.23
C LEU A 368 31.39 13.04 -3.11
N ASP A 369 32.17 12.24 -2.39
CA ASP A 369 32.90 12.76 -1.25
C ASP A 369 34.24 13.40 -1.61
N ARG A 370 34.63 13.41 -2.89
CA ARG A 370 35.86 14.12 -3.29
C ARG A 370 35.83 15.58 -2.84
N PRO A 371 36.91 16.10 -2.24
CA PRO A 371 36.93 17.52 -1.93
CA PRO A 371 36.92 17.52 -1.92
C PRO A 371 36.67 18.43 -3.12
N ALA A 372 37.15 18.03 -4.31
CA ALA A 372 36.96 18.84 -5.50
C ALA A 372 35.49 18.91 -5.90
N MSE A 373 34.78 17.84 -5.57
CA MSE A 373 33.37 17.74 -5.91
C MSE A 373 32.58 18.66 -4.98
O MSE A 373 31.71 19.40 -5.42
CB MSE A 373 32.94 16.27 -5.79
CG MSE A 373 31.49 16.02 -5.96
SE MSE A 373 30.85 16.52 -7.75
CE MSE A 373 29.08 15.77 -7.43
N ARG A 374 32.91 18.64 -3.71
CA ARG A 374 32.26 19.53 -2.75
C ARG A 374 32.49 21.02 -3.12
N ALA A 375 33.66 21.35 -3.65
CA ALA A 375 33.93 22.70 -4.13
C ALA A 375 33.12 23.07 -5.40
N ALA A 376 32.99 22.11 -6.30
CA ALA A 376 32.19 22.33 -7.49
C ALA A 376 30.71 22.57 -7.13
N MSE A 377 30.21 21.85 -6.12
CA MSE A 377 28.82 21.98 -5.74
C MSE A 377 28.48 23.36 -5.21
O MSE A 377 27.36 23.84 -5.39
CB MSE A 377 28.42 20.90 -4.73
CG MSE A 377 28.56 19.52 -5.35
SE MSE A 377 28.50 18.01 -4.15
CE MSE A 377 27.10 18.36 -3.45
N LYS A 378 29.47 24.02 -4.62
CA LYS A 378 29.30 25.36 -4.10
C LYS A 378 29.17 26.41 -5.19
N LYS A 379 29.52 26.08 -6.44
CA LYS A 379 29.32 26.97 -7.58
C LYS A 379 27.86 27.06 -8.05
N VAL A 380 26.96 26.28 -7.46
CA VAL A 380 25.62 26.12 -8.01
C VAL A 380 24.55 26.74 -7.12
N THR A 381 23.71 27.59 -7.71
CA THR A 381 22.56 28.18 -7.03
C THR A 381 21.24 27.95 -7.78
N ARG A 382 20.13 27.90 -7.05
CA ARG A 382 18.81 27.69 -7.58
C ARG A 382 18.02 28.98 -7.58
N PHE A 383 17.13 29.14 -8.55
CA PHE A 383 16.20 30.29 -8.56
C PHE A 383 14.85 29.93 -9.11
N ASP A 384 13.82 30.66 -8.67
CA ASP A 384 12.48 30.44 -9.13
C ASP A 384 12.24 31.19 -10.43
N MSE A 385 11.61 30.52 -11.40
CA MSE A 385 11.10 31.12 -12.62
C MSE A 385 9.59 31.29 -12.49
O MSE A 385 8.88 30.37 -12.09
CB MSE A 385 11.40 30.21 -13.83
CG MSE A 385 12.87 29.88 -14.00
SE MSE A 385 13.12 28.28 -15.15
CE MSE A 385 12.20 28.92 -16.69
N PRO A 386 9.09 32.50 -12.79
CA PRO A 386 7.67 32.77 -12.57
C PRO A 386 6.77 32.14 -13.60
N SER A 387 5.60 31.69 -13.16
CA SER A 387 4.55 31.18 -14.03
C SER A 387 3.21 31.16 -13.28
N GLU A 388 2.12 31.20 -14.03
CA GLU A 388 0.80 31.07 -13.43
C GLU A 388 0.37 29.62 -13.29
N THR A 389 1.14 28.69 -13.85
CA THR A 389 0.80 27.28 -13.72
C THR A 389 2.03 26.49 -13.24
N THR A 390 1.83 25.19 -13.04
CA THR A 390 2.89 24.33 -12.53
C THR A 390 3.32 23.37 -13.62
N PHE A 391 4.56 22.90 -13.48
CA PHE A 391 5.20 22.07 -14.47
C PHE A 391 5.87 20.89 -13.76
N SER A 392 6.64 20.11 -14.55
CA SER A 392 7.39 18.99 -14.00
C SER A 392 8.79 18.96 -14.62
N GLY A 393 9.62 18.06 -14.10
CA GLY A 393 10.98 17.88 -14.63
C GLY A 393 11.02 17.46 -16.09
N THR A 394 9.95 16.83 -16.58
CA THR A 394 9.87 16.40 -17.96
C THR A 394 9.05 17.33 -18.86
N THR A 395 8.65 18.49 -18.35
CA THR A 395 7.89 19.44 -19.15
C THR A 395 8.47 20.84 -18.96
N GLY A 396 7.82 21.84 -19.53
CA GLY A 396 8.29 23.19 -19.36
C GLY A 396 9.64 23.47 -19.99
N TYR A 397 10.31 24.43 -19.38
CA TYR A 397 11.57 24.97 -19.90
C TYR A 397 12.40 25.46 -18.73
N THR A 398 13.69 25.66 -18.98
CA THR A 398 14.66 25.95 -17.93
C THR A 398 15.52 27.13 -18.37
N ASP A 399 15.73 28.07 -17.45
CA ASP A 399 16.73 29.12 -17.65
C ASP A 399 17.96 28.82 -16.81
N ILE A 400 19.14 28.89 -17.41
CA ILE A 400 20.38 28.84 -16.67
C ILE A 400 21.24 30.06 -16.99
N VAL A 401 22.15 30.34 -16.06
CA VAL A 401 23.11 31.42 -16.24
C VAL A 401 24.47 30.88 -15.86
N VAL A 402 25.40 30.94 -16.81
CA VAL A 402 26.75 30.45 -16.60
C VAL A 402 27.70 31.66 -16.52
N HIS A 403 28.40 31.79 -15.39
CA HIS A 403 29.27 32.95 -15.15
C HIS A 403 30.68 32.61 -15.56
N THR A 404 31.27 33.47 -16.37
CA THR A 404 32.62 33.24 -16.89
C THR A 404 33.43 34.55 -16.76
N ALA A 405 34.73 34.46 -17.08
CA ALA A 405 35.62 35.63 -17.05
C ALA A 405 35.09 36.78 -17.90
N ASP A 406 34.45 36.43 -19.01
CA ASP A 406 33.94 37.41 -19.97
C ASP A 406 32.46 37.69 -19.85
N GLY A 407 31.86 37.31 -18.73
CA GLY A 407 30.49 37.68 -18.43
C GLY A 407 29.58 36.47 -18.31
N LYS A 408 28.31 36.77 -18.13
CA LYS A 408 27.28 35.76 -17.89
C LYS A 408 26.75 35.27 -19.24
N ILE A 409 26.60 33.95 -19.38
CA ILE A 409 25.96 33.37 -20.55
C ILE A 409 24.59 32.84 -20.11
N GLU A 410 23.53 33.39 -20.70
CA GLU A 410 22.16 32.98 -20.37
C GLU A 410 21.66 32.05 -21.44
N ARG A 411 20.95 31.02 -21.04
CA ARG A 411 20.35 30.10 -22.00
C ARG A 411 19.00 29.60 -21.50
N ARG A 412 18.01 29.54 -22.39
CA ARG A 412 16.76 28.84 -22.14
C ARG A 412 16.72 27.51 -22.91
N ILE A 413 16.45 26.44 -22.18
CA ILE A 413 16.36 25.09 -22.68
C ILE A 413 14.88 24.73 -22.74
N GLU A 414 14.38 24.55 -23.94
CA GLU A 414 12.97 24.29 -24.16
C GLU A 414 12.66 22.80 -24.23
N ALA A 415 13.56 22.03 -24.83
CA ALA A 415 13.31 20.61 -25.06
C ALA A 415 13.85 19.79 -23.90
N THR A 416 13.03 18.89 -23.40
CA THR A 416 13.48 17.96 -22.38
C THR A 416 14.22 16.79 -23.06
N PRO A 417 15.45 16.52 -22.64
CA PRO A 417 16.21 15.39 -23.18
C PRO A 417 15.46 14.07 -22.97
N GLY A 418 15.18 13.38 -24.05
CA GLY A 418 14.44 12.15 -24.00
C GLY A 418 13.01 12.30 -24.49
N SER A 419 12.49 13.52 -24.54
CA SER A 419 11.17 13.78 -25.10
C SER A 419 11.18 13.60 -26.61
N LEU A 420 10.02 13.71 -27.27
CA LEU A 420 9.99 13.62 -28.73
C LEU A 420 10.74 14.78 -29.36
N GLU A 421 10.87 15.87 -28.61
CA GLU A 421 11.65 17.04 -29.04
C GLU A 421 13.18 16.89 -28.92
N ASP A 422 13.63 15.88 -28.17
CA ASP A 422 15.05 15.59 -28.06
C ASP A 422 15.21 14.09 -27.79
N PRO A 423 14.83 13.27 -28.79
CA PRO A 423 14.68 11.84 -28.52
C PRO A 423 16.00 11.10 -28.44
N MSE A 424 15.96 9.96 -27.74
CA MSE A 424 17.09 9.06 -27.67
C MSE A 424 16.98 8.08 -28.83
O MSE A 424 16.02 7.29 -28.89
CB MSE A 424 17.08 8.29 -26.36
CG MSE A 424 18.29 7.39 -26.27
SE MSE A 424 18.55 6.47 -24.57
CE MSE A 424 18.80 7.94 -23.44
N ASP A 425 17.92 8.14 -29.76
CA ASP A 425 17.89 7.23 -30.89
C ASP A 425 18.51 5.84 -30.57
N ASP A 426 18.48 4.94 -31.54
CA ASP A 426 18.90 3.57 -31.39
C ASP A 426 20.35 3.50 -30.94
N ALA A 427 21.22 4.32 -31.55
CA ALA A 427 22.65 4.27 -31.21
C ALA A 427 22.88 4.69 -29.76
N HIS A 428 22.14 5.69 -29.31
CA HIS A 428 22.28 6.18 -27.95
CA HIS A 428 22.26 6.19 -27.96
C HIS A 428 21.68 5.20 -26.95
N LEU A 429 20.58 4.56 -27.31
CA LEU A 429 20.02 3.54 -26.42
C LEU A 429 20.97 2.36 -26.29
N GLU A 430 21.58 1.94 -27.39
CA GLU A 430 22.54 0.83 -27.35
C GLU A 430 23.74 1.21 -26.50
N ARG A 431 24.19 2.45 -26.62
CA ARG A 431 25.32 2.88 -25.80
C ARG A 431 24.97 2.92 -24.30
N LYS A 432 23.78 3.37 -23.98
CA LYS A 432 23.32 3.31 -22.61
C LYS A 432 23.29 1.88 -22.09
N PHE A 433 22.75 0.96 -22.88
CA PHE A 433 22.76 -0.46 -22.51
C PHE A 433 24.20 -0.96 -22.27
N LYS A 434 25.10 -0.60 -23.18
CA LYS A 434 26.52 -0.99 -23.05
C LYS A 434 27.10 -0.49 -21.75
N ASP A 435 26.88 0.78 -21.44
CA ASP A 435 27.45 1.41 -20.24
C ASP A 435 26.90 0.75 -18.98
N CYS A 436 25.61 0.43 -18.98
CA CYS A 436 24.96 -0.14 -17.80
C CYS A 436 25.37 -1.61 -17.58
N THR A 437 25.92 -2.25 -18.61
CA THR A 437 26.26 -3.66 -18.55
C THR A 437 27.75 -3.95 -18.74
N ALA A 438 28.56 -2.94 -18.54
CA ALA A 438 30.01 -3.04 -18.70
C ALA A 438 30.63 -4.09 -17.77
N TRP A 439 29.97 -4.37 -16.65
CA TRP A 439 30.42 -5.36 -15.69
C TRP A 439 30.21 -6.80 -16.11
N MSE A 440 29.40 -7.02 -17.13
CA MSE A 440 29.06 -8.38 -17.55
C MSE A 440 30.30 -9.01 -18.20
O MSE A 440 31.14 -8.30 -18.76
CB MSE A 440 27.87 -8.38 -18.50
CG MSE A 440 26.59 -8.10 -17.79
SE MSE A 440 25.00 -8.07 -18.90
CE MSE A 440 24.87 -9.96 -19.30
N PRO A 441 30.42 -10.33 -18.11
CA PRO A 441 31.59 -10.96 -18.66
C PRO A 441 31.56 -11.02 -20.18
N PHE A 442 32.74 -11.22 -20.75
CA PHE A 442 32.99 -11.20 -22.17
C PHE A 442 31.86 -11.72 -23.04
N GLY A 443 31.38 -10.84 -23.91
CA GLY A 443 30.34 -11.17 -24.91
C GLY A 443 28.91 -11.24 -24.39
N GLU A 444 28.70 -11.33 -23.08
CA GLU A 444 27.37 -11.62 -22.54
C GLU A 444 26.43 -10.43 -22.67
N SER A 445 26.95 -9.21 -22.56
CA SER A 445 26.10 -8.04 -22.78
C SER A 445 25.54 -8.01 -24.20
N GLY A 446 26.40 -8.19 -25.19
CA GLY A 446 25.95 -8.21 -26.58
C GLY A 446 24.92 -9.28 -26.87
N LEU A 447 25.11 -10.46 -26.29
CA LEU A 447 24.20 -11.57 -26.52
C LEU A 447 22.86 -11.26 -25.87
N LEU A 448 22.88 -10.68 -24.67
CA LEU A 448 21.63 -10.29 -24.01
C LEU A 448 20.90 -9.23 -24.81
N PHE A 449 21.62 -8.26 -25.33
CA PHE A 449 21.03 -7.20 -26.14
C PHE A 449 20.30 -7.83 -27.33
N ASP A 450 20.93 -8.77 -28.00
CA ASP A 450 20.30 -9.44 -29.14
C ASP A 450 19.04 -10.22 -28.72
N ARG A 451 19.11 -10.90 -27.59
CA ARG A 451 17.96 -11.66 -27.10
C ARG A 451 16.81 -10.71 -26.75
N LEU A 452 17.14 -9.58 -26.14
CA LEU A 452 16.09 -8.60 -25.80
C LEU A 452 15.37 -8.18 -27.07
N ARG A 453 16.15 -7.91 -28.12
CA ARG A 453 15.62 -7.47 -29.42
C ARG A 453 14.78 -8.54 -30.12
N SER A 454 14.91 -9.79 -29.69
CA SER A 454 14.19 -10.90 -30.30
C SER A 454 12.73 -10.98 -29.85
N LEU A 455 12.33 -10.17 -28.88
CA LEU A 455 10.92 -10.13 -28.51
C LEU A 455 10.08 -9.66 -29.69
N THR A 456 10.65 -8.74 -30.46
CA THR A 456 10.00 -8.25 -31.69
C THR A 456 9.76 -9.39 -32.70
N ALA A 457 10.62 -10.40 -32.68
CA ALA A 457 10.45 -11.60 -33.51
C ALA A 457 9.60 -12.68 -32.83
N ASP A 458 8.91 -12.34 -31.74
CA ASP A 458 8.00 -13.25 -31.06
C ASP A 458 8.70 -14.42 -30.36
N GLN A 459 9.96 -14.23 -29.97
CA GLN A 459 10.64 -15.24 -29.20
C GLN A 459 10.04 -15.36 -27.84
N GLY A 460 10.20 -16.53 -27.23
CA GLY A 460 9.71 -16.72 -25.86
C GLY A 460 10.40 -15.78 -24.90
N ILE A 461 9.64 -15.11 -24.06
CA ILE A 461 10.29 -14.18 -23.14
C ILE A 461 11.22 -14.92 -22.17
N LYS A 462 10.94 -16.17 -21.84
CA LYS A 462 11.82 -16.90 -20.97
C LYS A 462 13.22 -17.09 -21.53
N THR A 463 13.37 -17.01 -22.85
CA THR A 463 14.70 -17.17 -23.43
C THR A 463 15.63 -15.99 -23.16
N VAL A 464 15.08 -14.84 -22.76
CA VAL A 464 15.90 -13.63 -22.69
C VAL A 464 16.87 -13.70 -21.51
N GLN A 465 16.38 -14.04 -20.32
CA GLN A 465 17.23 -14.20 -19.13
C GLN A 465 18.18 -13.03 -18.85
N PRO A 466 17.63 -11.84 -18.56
CA PRO A 466 18.48 -10.74 -18.11
C PRO A 466 18.97 -11.02 -16.71
N HIS B 20 13.97 17.96 17.59
CA HIS B 20 12.63 18.57 17.90
C HIS B 20 11.46 18.07 17.03
N MSE B 21 11.62 16.91 16.41
CA MSE B 21 10.61 16.40 15.49
C MSE B 21 9.71 15.42 16.23
O MSE B 21 10.13 14.69 17.10
CB MSE B 21 11.27 15.70 14.29
CG MSE B 21 12.27 16.57 13.51
SE MSE B 21 11.36 17.82 12.35
CE MSE B 21 11.37 16.86 10.80
N PHE B 22 8.44 15.42 15.85
CA PHE B 22 7.44 14.49 16.37
C PHE B 22 7.91 13.03 16.18
N THR B 23 8.41 12.70 14.99
CA THR B 23 8.82 11.34 14.74
C THR B 23 9.92 10.88 15.68
N THR B 24 10.91 11.76 15.88
CA THR B 24 12.01 11.48 16.76
C THR B 24 11.54 11.28 18.19
N LYS B 25 10.64 12.13 18.64
CA LYS B 25 10.11 12.04 20.01
C LYS B 25 9.29 10.77 20.25
N LEU B 26 8.48 10.41 19.27
CA LEU B 26 7.69 9.20 19.38
C LEU B 26 8.56 7.97 19.44
N ALA B 27 9.61 7.90 18.61
CA ALA B 27 10.50 6.74 18.68
C ALA B 27 11.19 6.65 20.05
N GLU B 28 11.57 7.80 20.58
CA GLU B 28 12.19 7.83 21.91
C GLU B 28 11.24 7.28 22.96
N LYS B 29 10.01 7.77 22.95
CA LYS B 29 8.99 7.30 23.89
C LYS B 29 8.80 5.79 23.79
N VAL B 30 8.70 5.30 22.56
CA VAL B 30 8.46 3.88 22.36
C VAL B 30 9.61 3.03 22.86
N VAL B 31 10.84 3.39 22.47
CA VAL B 31 11.98 2.56 22.81
C VAL B 31 12.24 2.61 24.33
N SER B 32 12.07 3.78 24.95
CA SER B 32 12.25 3.85 26.40
CA SER B 32 12.20 3.89 26.40
C SER B 32 11.23 2.95 27.11
N ALA B 33 9.97 2.98 26.67
CA ALA B 33 8.93 2.13 27.27
C ALA B 33 9.23 0.67 27.06
N TRP B 34 9.81 0.35 25.89
CA TRP B 34 10.17 -1.04 25.60
C TRP B 34 11.19 -1.61 26.58
N LYS B 35 12.08 -0.75 27.01
CA LYS B 35 13.15 -1.15 27.90
CA LYS B 35 13.15 -1.13 27.91
C LYS B 35 12.64 -1.24 29.34
N ALA B 36 11.52 -0.57 29.62
CA ALA B 36 10.93 -0.55 30.96
C ALA B 36 9.82 -1.61 31.13
N LYS B 37 9.47 -1.89 32.38
CA LYS B 37 8.35 -2.77 32.66
C LYS B 37 7.08 -2.00 32.35
N ILE B 38 6.02 -2.75 32.06
CA ILE B 38 4.71 -2.18 31.85
CA ILE B 38 4.70 -2.19 31.82
C ILE B 38 3.71 -2.81 32.82
N SER B 39 2.67 -2.05 33.13
CA SER B 39 1.67 -2.42 34.12
C SER B 39 0.97 -3.73 33.79
N GLN B 40 0.54 -4.44 34.84
CA GLN B 40 -0.18 -5.69 34.62
CA GLN B 40 -0.20 -5.70 34.66
C GLN B 40 -1.53 -5.50 33.91
N PRO B 41 -2.27 -4.43 34.24
CA PRO B 41 -3.49 -4.17 33.48
C PRO B 41 -3.26 -4.02 31.97
N ALA B 42 -2.14 -3.41 31.57
CA ALA B 42 -1.83 -3.29 30.13
C ALA B 42 -1.52 -4.65 29.54
N LEU B 43 -0.77 -5.46 30.27
CA LEU B 43 -0.48 -6.83 29.85
C LEU B 43 -1.75 -7.69 29.76
N LYS B 44 -2.66 -7.51 30.72
CA LYS B 44 -3.95 -8.22 30.68
CA LYS B 44 -3.98 -8.16 30.72
C LYS B 44 -4.75 -7.79 29.46
N ALA B 45 -4.77 -6.52 29.16
CA ALA B 45 -5.51 -6.03 28.00
C ALA B 45 -4.91 -6.60 26.72
N ALA B 46 -3.58 -6.62 26.61
CA ALA B 46 -2.91 -7.29 25.49
C ALA B 46 -3.24 -8.77 25.42
N GLN B 47 -3.20 -9.47 26.55
CA GLN B 47 -3.56 -10.89 26.55
C GLN B 47 -4.97 -11.14 26.02
N ASP B 48 -5.92 -10.33 26.48
CA ASP B 48 -7.28 -10.45 26.03
C ASP B 48 -7.42 -10.18 24.52
N GLY B 49 -6.65 -9.22 24.02
CA GLY B 49 -6.66 -8.90 22.61
C GLY B 49 -6.13 -10.03 21.76
N VAL B 50 -5.08 -10.69 22.25
CA VAL B 50 -4.54 -11.82 21.54
C VAL B 50 -5.60 -12.90 21.43
N ILE B 51 -6.27 -13.19 22.55
CA ILE B 51 -7.28 -14.26 22.56
C ILE B 51 -8.42 -13.90 21.59
N ASP B 52 -8.90 -12.67 21.65
CA ASP B 52 -10.01 -12.24 20.78
C ASP B 52 -9.62 -12.32 19.31
N THR B 53 -8.38 -11.92 19.00
CA THR B 53 -7.91 -11.89 17.62
C THR B 53 -7.73 -13.29 17.06
N VAL B 54 -7.12 -14.17 17.84
CA VAL B 54 -6.98 -15.56 17.42
C VAL B 54 -8.35 -16.23 17.23
N ALA B 55 -9.27 -15.94 18.15
CA ALA B 55 -10.66 -16.41 18.01
C ALA B 55 -11.24 -15.97 16.67
N ALA B 56 -11.21 -14.66 16.41
CA ALA B 56 -11.78 -14.16 15.17
C ALA B 56 -11.15 -14.86 13.96
N ALA B 57 -9.82 -15.01 13.99
CA ALA B 57 -9.11 -15.66 12.90
C ALA B 57 -9.57 -17.11 12.70
N LEU B 58 -9.62 -17.84 13.81
CA LEU B 58 -9.99 -19.25 13.73
C LEU B 58 -11.44 -19.47 13.31
N GLY B 59 -12.30 -18.48 13.55
CA GLY B 59 -13.65 -18.50 13.07
C GLY B 59 -13.78 -18.24 11.57
N GLY B 60 -12.71 -17.77 10.94
CA GLY B 60 -12.73 -17.38 9.53
C GLY B 60 -11.79 -18.14 8.61
N VAL B 61 -11.08 -19.16 9.11
CA VAL B 61 -10.02 -19.80 8.31
C VAL B 61 -10.54 -20.57 7.09
N THR B 62 -11.84 -20.89 7.06
CA THR B 62 -12.41 -21.57 5.88
C THR B 62 -12.95 -20.62 4.82
N GLU B 63 -12.85 -19.32 5.04
CA GLU B 63 -13.33 -18.38 4.06
C GLU B 63 -12.49 -18.47 2.79
N HIS B 64 -13.10 -18.23 1.64
CA HIS B 64 -12.38 -18.29 0.38
C HIS B 64 -11.16 -17.35 0.37
N SER B 65 -11.29 -16.20 1.01
CA SER B 65 -10.14 -15.26 1.04
C SER B 65 -8.91 -15.91 1.65
N VAL B 66 -9.10 -16.62 2.75
CA VAL B 66 -8.01 -17.27 3.44
C VAL B 66 -7.50 -18.46 2.62
N GLN B 67 -8.44 -19.19 2.00
CA GLN B 67 -8.04 -20.33 1.18
C GLN B 67 -7.15 -19.88 0.04
N VAL B 68 -7.49 -18.73 -0.53
CA VAL B 68 -6.64 -18.15 -1.60
C VAL B 68 -5.27 -17.69 -1.05
N ALA B 69 -5.25 -17.10 0.15
CA ALA B 69 -3.99 -16.76 0.80
C ALA B 69 -3.10 -17.99 0.94
N LEU B 70 -3.69 -19.13 1.27
CA LEU B 70 -2.89 -20.36 1.40
C LEU B 70 -2.41 -20.84 0.04
N LYS B 71 -3.22 -20.64 -0.99
CA LYS B 71 -2.78 -20.92 -2.38
C LYS B 71 -1.59 -20.05 -2.80
N TYR B 72 -1.61 -18.80 -2.36
CA TYR B 72 -0.50 -17.89 -2.57
C TYR B 72 0.76 -18.42 -1.90
N VAL B 73 0.66 -18.82 -0.64
CA VAL B 73 1.81 -19.40 0.04
C VAL B 73 2.36 -20.60 -0.72
N ALA B 74 1.47 -21.46 -1.19
CA ALA B 74 1.91 -22.59 -2.03
C ALA B 74 2.66 -22.09 -3.27
N ALA B 75 2.11 -21.08 -3.92
CA ALA B 75 2.75 -20.52 -5.13
C ALA B 75 4.13 -19.87 -4.89
N THR B 76 4.39 -19.37 -3.70
CA THR B 76 5.67 -18.71 -3.45
C THR B 76 6.77 -19.75 -3.29
N GLY B 77 6.38 -20.96 -2.89
CA GLY B 77 7.35 -21.97 -2.48
C GLY B 77 8.07 -21.63 -1.18
N GLY B 78 7.53 -20.68 -0.42
CA GLY B 78 8.20 -20.17 0.77
C GLY B 78 8.23 -21.19 1.89
N SER B 79 9.12 -20.96 2.85
CA SER B 79 9.26 -21.83 4.02
CA SER B 79 9.22 -21.82 4.02
C SER B 79 9.82 -21.05 5.18
N GLY B 80 9.61 -21.56 6.39
CA GLY B 80 10.11 -20.95 7.61
C GLY B 80 9.50 -21.58 8.85
N ASP B 81 9.56 -20.86 9.98
CA ASP B 81 9.09 -21.38 11.26
C ASP B 81 7.91 -20.63 11.82
N SER B 82 7.24 -19.85 10.98
CA SER B 82 6.11 -19.05 11.44
C SER B 82 4.83 -19.78 11.08
N LYS B 83 4.06 -20.12 12.11
CA LYS B 83 2.90 -20.96 11.96
C LYS B 83 1.73 -20.23 11.31
N LEU B 84 1.07 -20.91 10.38
CA LEU B 84 -0.17 -20.44 9.76
C LEU B 84 -1.33 -20.93 10.61
N TRP B 85 -2.16 -20.01 11.07
CA TRP B 85 -3.18 -20.37 12.05
C TRP B 85 -4.24 -21.29 11.46
N GLY B 86 -4.59 -22.33 12.21
CA GLY B 86 -5.70 -23.20 11.82
C GLY B 86 -5.34 -24.30 10.86
N VAL B 87 -4.09 -24.33 10.41
CA VAL B 87 -3.61 -25.41 9.55
C VAL B 87 -2.25 -25.88 10.03
N ASN B 88 -1.88 -27.10 9.64
CA ASN B 88 -0.61 -27.65 10.02
C ASN B 88 0.42 -27.28 8.97
N GLN B 89 0.77 -25.99 8.93
CA GLN B 89 1.72 -25.47 7.96
C GLN B 89 2.43 -24.30 8.59
N ARG B 90 3.66 -24.06 8.12
CA ARG B 90 4.47 -22.95 8.56
C ARG B 90 5.06 -22.32 7.30
N SER B 91 5.40 -21.05 7.38
CA SER B 91 6.18 -20.40 6.32
C SER B 91 7.08 -19.32 6.91
N ASN B 92 7.62 -18.48 6.02
CA ASN B 92 8.42 -17.37 6.47
C ASN B 92 7.57 -16.34 7.18
N MSE B 93 8.20 -15.45 7.92
CA MSE B 93 7.48 -14.52 8.76
C MSE B 93 6.63 -13.55 7.97
O MSE B 93 5.60 -13.08 8.45
CB MSE B 93 8.42 -13.72 9.67
CG MSE B 93 9.51 -12.93 8.96
SE MSE B 93 10.65 -11.97 10.23
CE MSE B 93 12.36 -12.66 9.62
N PHE B 94 7.04 -13.24 6.74
CA PHE B 94 6.32 -12.25 5.94
C PHE B 94 5.00 -12.84 5.50
N ASP B 95 5.08 -14.04 4.93
CA ASP B 95 3.88 -14.68 4.42
C ASP B 95 2.95 -15.20 5.51
N ALA B 96 3.51 -15.59 6.66
CA ALA B 96 2.68 -15.95 7.81
C ALA B 96 1.89 -14.76 8.30
N ALA B 97 2.52 -13.60 8.36
CA ALA B 97 1.82 -12.39 8.73
C ALA B 97 0.68 -12.10 7.74
N PHE B 98 0.95 -12.29 6.46
CA PHE B 98 -0.05 -12.04 5.44
C PHE B 98 -1.27 -12.96 5.60
N VAL B 99 -1.01 -14.26 5.71
CA VAL B 99 -2.10 -15.22 5.82
C VAL B 99 -2.89 -15.00 7.10
N ASN B 100 -2.20 -14.83 8.21
CA ASN B 100 -2.87 -14.72 9.50
C ASN B 100 -3.57 -13.39 9.65
N GLY B 101 -3.04 -12.32 9.04
CA GLY B 101 -3.76 -11.05 9.00
C GLY B 101 -5.01 -11.10 8.18
N MSE B 102 -4.94 -11.83 7.08
CA MSE B 102 -6.13 -12.08 6.26
CA MSE B 102 -6.12 -12.08 6.27
C MSE B 102 -7.18 -12.81 7.11
O MSE B 102 -8.34 -12.40 7.16
CB MSE B 102 -5.80 -12.92 5.05
CB MSE B 102 -5.76 -12.93 5.08
CG MSE B 102 -6.96 -13.25 4.14
CG MSE B 102 -6.86 -13.06 4.09
SE MSE B 102 -7.20 -11.89 2.74
SE MSE B 102 -6.12 -12.82 2.35
CE MSE B 102 -5.47 -12.16 1.88
CE MSE B 102 -7.19 -11.46 1.84
N ALA B 103 -6.75 -13.90 7.73
CA ALA B 103 -7.66 -14.72 8.53
C ALA B 103 -8.28 -13.89 9.67
N ALA B 104 -7.46 -13.09 10.32
CA ALA B 104 -7.91 -12.33 11.50
C ALA B 104 -9.04 -11.36 11.16
N HIS B 105 -9.13 -10.92 9.91
CA HIS B 105 -10.15 -9.95 9.49
C HIS B 105 -11.22 -10.58 8.56
N ALA B 106 -11.11 -11.86 8.28
CA ALA B 106 -11.88 -12.48 7.18
C ALA B 106 -13.39 -12.46 7.38
N ILE B 107 -13.85 -12.55 8.63
CA ILE B 107 -15.30 -12.52 8.90
C ILE B 107 -15.76 -11.33 9.74
N ASP B 108 -14.89 -10.32 9.83
CA ASP B 108 -15.22 -9.04 10.48
C ASP B 108 -15.63 -9.19 11.94
N PHE B 109 -14.89 -10.03 12.67
CA PHE B 109 -15.21 -10.35 14.08
C PHE B 109 -14.09 -9.87 15.02
N ASP B 110 -13.06 -9.27 14.44
CA ASP B 110 -11.94 -8.77 15.21
C ASP B 110 -12.23 -7.39 15.76
N ASP B 111 -11.40 -6.95 16.69
CA ASP B 111 -11.71 -5.76 17.50
C ASP B 111 -11.62 -4.47 16.70
N SER B 112 -12.19 -3.41 17.28
CA SER B 112 -12.09 -2.07 16.73
CA SER B 112 -12.08 -2.06 16.74
C SER B 112 -11.51 -1.13 17.78
N PHE B 113 -11.15 0.08 17.37
CA PHE B 113 -10.39 1.00 18.23
C PHE B 113 -10.76 2.42 17.82
N PRO B 114 -11.62 3.09 18.57
CA PRO B 114 -12.24 4.30 18.08
C PRO B 114 -11.28 5.45 17.83
N VAL B 115 -10.13 5.42 18.49
CA VAL B 115 -9.16 6.50 18.34
CA VAL B 115 -9.13 6.48 18.34
C VAL B 115 -8.55 6.50 16.94
N MSE B 116 -8.51 5.34 16.29
CA MSE B 116 -8.04 5.34 14.90
CA MSE B 116 -8.01 5.21 14.91
C MSE B 116 -9.12 4.99 13.88
O MSE B 116 -8.88 5.07 12.69
CB MSE B 116 -6.82 4.47 14.77
CB MSE B 116 -6.97 4.07 14.78
CG MSE B 116 -7.08 3.01 14.95
CG MSE B 116 -7.52 2.64 14.89
SE MSE B 116 -5.57 1.95 14.40
SE MSE B 116 -6.78 1.11 13.80
CE MSE B 116 -6.54 0.57 13.50
CE MSE B 116 -5.10 1.75 13.20
N ARG B 117 -10.33 4.68 14.36
CA ARG B 117 -11.45 4.23 13.53
C ARG B 117 -11.03 3.05 12.64
N GLY B 118 -10.56 2.01 13.29
CA GLY B 118 -10.16 0.81 12.58
C GLY B 118 -9.83 -0.32 13.53
N HIS B 119 -9.24 -1.35 12.93
CA HIS B 119 -9.04 -2.64 13.55
C HIS B 119 -7.56 -2.94 13.65
N PRO B 120 -6.93 -2.55 14.76
CA PRO B 120 -5.48 -2.63 14.80
C PRO B 120 -4.94 -4.01 15.08
N SER B 121 -5.69 -4.82 15.80
CA SER B 121 -5.16 -6.08 16.25
C SER B 121 -4.99 -7.12 15.15
N SER B 122 -5.79 -7.00 14.11
CA SER B 122 -5.72 -7.97 13.05
C SER B 122 -4.48 -7.83 12.19
N SER B 123 -3.72 -6.75 12.32
CA SER B 123 -2.37 -6.72 11.74
C SER B 123 -1.31 -6.91 12.80
N LEU B 124 -1.58 -6.39 13.99
CA LEU B 124 -0.57 -6.42 15.05
C LEU B 124 -0.31 -7.80 15.58
N VAL B 125 -1.39 -8.50 15.90
CA VAL B 125 -1.22 -9.81 16.49
C VAL B 125 -0.57 -10.81 15.51
N PRO B 126 -1.04 -10.86 14.25
CA PRO B 126 -0.30 -11.71 13.31
C PRO B 126 1.19 -11.34 13.17
N ALA B 127 1.50 -10.05 13.20
CA ALA B 127 2.92 -9.61 13.10
C ALA B 127 3.72 -10.13 14.29
N ILE B 128 3.13 -9.99 15.47
CA ILE B 128 3.79 -10.43 16.70
C ILE B 128 4.02 -11.94 16.71
N PHE B 129 3.04 -12.73 16.30
CA PHE B 129 3.25 -14.17 16.25
C PHE B 129 4.32 -14.54 15.21
N ALA B 130 4.29 -13.90 14.05
CA ALA B 130 5.19 -14.26 12.96
C ALA B 130 6.64 -13.98 13.33
N VAL B 131 6.90 -12.77 13.81
CA VAL B 131 8.25 -12.35 14.22
C VAL B 131 8.62 -12.99 15.54
N GLY B 132 7.68 -13.06 16.47
CA GLY B 132 7.94 -13.68 17.78
C GLY B 132 8.38 -15.12 17.69
N GLU B 133 7.73 -15.89 16.81
CA GLU B 133 8.08 -17.29 16.59
C GLU B 133 9.46 -17.40 15.92
N HIS B 134 9.76 -16.48 15.01
CA HIS B 134 11.02 -16.48 14.31
C HIS B 134 12.18 -16.26 15.29
N VAL B 135 12.05 -15.27 16.16
CA VAL B 135 13.15 -14.91 17.06
C VAL B 135 13.12 -15.66 18.41
N GLY B 136 12.13 -16.51 18.61
CA GLY B 136 11.95 -17.21 19.88
C GLY B 136 11.67 -16.28 21.05
N ALA B 137 10.75 -15.34 20.87
CA ALA B 137 10.41 -14.41 21.94
C ALA B 137 9.55 -15.05 23.02
N ASN B 138 9.61 -14.42 24.20
CA ASN B 138 8.77 -14.84 25.31
CA ASN B 138 8.81 -14.79 25.36
C ASN B 138 7.56 -13.92 25.47
N GLY B 139 6.56 -14.43 26.18
CA GLY B 139 5.26 -13.79 26.30
C GLY B 139 5.24 -12.36 26.75
N HIS B 140 6.03 -12.01 27.77
CA HIS B 140 5.98 -10.65 28.29
C HIS B 140 6.39 -9.63 27.24
N ASN B 141 7.44 -9.92 26.50
CA ASN B 141 7.90 -9.04 25.44
C ASN B 141 6.91 -8.98 24.29
N CYS B 142 6.32 -10.12 23.96
CA CYS B 142 5.27 -10.17 22.93
C CYS B 142 4.08 -9.30 23.32
N LEU B 143 3.57 -9.48 24.52
CA LEU B 143 2.49 -8.62 25.00
C LEU B 143 2.86 -7.15 25.11
N LYS B 144 4.07 -6.84 25.53
CA LYS B 144 4.51 -5.48 25.63
CA LYS B 144 4.49 -5.45 25.62
C LYS B 144 4.58 -4.80 24.24
N SER B 145 5.05 -5.56 23.24
CA SER B 145 5.14 -5.00 21.87
C SER B 145 3.75 -4.64 21.35
N TYR B 146 2.75 -5.40 21.79
CA TYR B 146 1.35 -5.17 21.43
C TYR B 146 0.85 -3.88 22.05
N VAL B 147 1.13 -3.70 23.36
CA VAL B 147 0.77 -2.46 24.02
C VAL B 147 1.36 -1.23 23.33
N LEU B 148 2.63 -1.35 22.94
CA LEU B 148 3.31 -0.22 22.31
C LEU B 148 2.88 0.04 20.88
N GLY B 149 2.61 -1.04 20.15
CA GLY B 149 2.02 -0.95 18.81
C GLY B 149 0.71 -0.19 18.84
N ILE B 150 -0.12 -0.52 19.82
CA ILE B 150 -1.39 0.15 19.99
C ILE B 150 -1.20 1.61 20.38
N GLU B 151 -0.22 1.88 21.23
CA GLU B 151 0.05 3.27 21.60
C GLU B 151 0.45 4.13 20.39
N VAL B 152 1.24 3.56 19.50
CA VAL B 152 1.65 4.27 18.30
C VAL B 152 0.42 4.55 17.43
N VAL B 153 -0.40 3.53 17.17
CA VAL B 153 -1.54 3.79 16.28
CA VAL B 153 -1.60 3.67 16.35
C VAL B 153 -2.56 4.74 16.93
N ALA B 154 -2.70 4.71 18.25
CA ALA B 154 -3.56 5.67 18.94
C ALA B 154 -3.03 7.10 18.75
N THR B 155 -1.71 7.27 18.86
CA THR B 155 -1.11 8.59 18.62
C THR B 155 -1.38 9.09 17.20
N LEU B 156 -1.16 8.22 16.22
CA LEU B 156 -1.38 8.62 14.84
C LEU B 156 -2.85 8.89 14.56
N GLY B 157 -3.74 8.07 15.13
CA GLY B 157 -5.19 8.25 14.98
C GLY B 157 -5.65 9.60 15.52
N ARG B 158 -5.11 9.96 16.69
CA ARG B 158 -5.45 11.26 17.29
CA ARG B 158 -5.43 11.27 17.28
C ARG B 158 -4.97 12.40 16.40
N ALA B 159 -3.76 12.27 15.84
CA ALA B 159 -3.22 13.29 14.94
C ALA B 159 -4.09 13.52 13.68
N VAL B 160 -4.54 12.42 13.05
CA VAL B 160 -5.25 12.49 11.79
CA VAL B 160 -5.24 12.58 11.78
C VAL B 160 -6.71 12.96 11.94
N GLY B 161 -7.33 12.54 13.03
CA GLY B 161 -8.73 12.89 13.27
C GLY B 161 -9.73 12.21 12.35
N LYS B 162 -10.90 12.80 12.22
CA LYS B 162 -12.05 12.11 11.60
C LYS B 162 -12.03 12.09 10.09
N GLY B 163 -11.32 13.03 9.48
CA GLY B 163 -11.43 13.24 8.07
C GLY B 163 -10.87 12.12 7.21
N HIS B 164 -9.88 11.41 7.72
CA HIS B 164 -9.16 10.40 6.90
C HIS B 164 -10.11 9.26 6.42
N TYR B 165 -10.87 8.72 7.36
CA TYR B 165 -11.86 7.70 7.02
C TYR B 165 -12.92 8.26 6.11
N LEU B 166 -13.39 9.47 6.43
CA LEU B 166 -14.46 10.08 5.65
C LEU B 166 -14.06 10.38 4.22
N ALA B 167 -12.76 10.58 3.98
CA ALA B 167 -12.20 10.78 2.64
C ALA B 167 -12.06 9.49 1.81
N GLY B 168 -12.21 8.33 2.46
CA GLY B 168 -12.29 7.09 1.73
C GLY B 168 -11.20 6.08 2.03
N TRP B 169 -10.26 6.44 2.91
CA TRP B 169 -9.21 5.51 3.27
CA TRP B 169 -9.18 5.54 3.31
C TRP B 169 -9.62 4.62 4.43
N HIS B 170 -9.08 3.40 4.45
CA HIS B 170 -9.36 2.45 5.53
C HIS B 170 -8.27 2.54 6.58
N PRO B 171 -8.52 3.23 7.71
CA PRO B 171 -7.43 3.42 8.64
C PRO B 171 -6.86 2.15 9.24
N THR B 172 -7.66 1.10 9.26
CA THR B 172 -7.22 -0.20 9.62
C THR B 172 -5.87 -0.56 9.01
N SER B 173 -5.70 -0.28 7.72
CA SER B 173 -4.44 -0.52 7.03
C SER B 173 -3.58 0.70 6.84
N THR B 174 -4.14 1.87 6.58
CA THR B 174 -3.31 3.03 6.34
C THR B 174 -2.52 3.41 7.58
N LEU B 175 -3.17 3.23 8.74
CA LEU B 175 -2.50 3.49 10.02
C LEU B 175 -2.06 2.22 10.75
N GLY B 176 -2.78 1.13 10.55
CA GLY B 176 -2.45 -0.13 11.17
C GLY B 176 -1.08 -0.63 10.78
N VAL B 177 -0.63 -0.35 9.55
CA VAL B 177 0.71 -0.75 9.15
C VAL B 177 1.78 -0.26 10.12
N PHE B 178 1.57 0.94 10.69
CA PHE B 178 2.56 1.46 11.65
C PHE B 178 2.55 0.70 12.98
N GLY B 179 1.41 0.18 13.38
CA GLY B 179 1.35 -0.66 14.55
C GLY B 179 2.16 -1.91 14.42
N ALA B 180 1.92 -2.63 13.34
CA ALA B 180 2.61 -3.86 13.04
C ALA B 180 4.11 -3.60 12.89
N THR B 181 4.48 -2.51 12.22
CA THR B 181 5.88 -2.15 12.07
C THR B 181 6.55 -1.94 13.43
N THR B 182 5.86 -1.25 14.32
CA THR B 182 6.43 -0.93 15.61
C THR B 182 6.71 -2.21 16.39
N ALA B 183 5.73 -3.11 16.48
CA ALA B 183 5.90 -4.33 17.26
C ALA B 183 6.96 -5.25 16.66
N ALA B 184 6.95 -5.41 15.33
CA ALA B 184 7.94 -6.23 14.68
C ALA B 184 9.34 -5.66 14.88
N ALA B 185 9.50 -4.34 14.77
CA ALA B 185 10.80 -3.69 14.92
C ALA B 185 11.34 -3.96 16.32
N LEU B 186 10.49 -3.75 17.31
CA LEU B 186 10.93 -3.98 18.71
C LEU B 186 11.37 -5.43 18.94
N LEU B 187 10.57 -6.38 18.49
CA LEU B 187 10.89 -7.80 18.60
C LEU B 187 12.16 -8.20 17.85
N LEU B 188 12.46 -7.48 16.77
CA LEU B 188 13.69 -7.74 15.97
C LEU B 188 14.95 -7.08 16.55
N GLY B 189 14.78 -6.24 17.56
CA GLY B 189 15.90 -5.61 18.26
C GLY B 189 16.22 -4.19 17.85
N ALA B 190 15.24 -3.50 17.27
CA ALA B 190 15.44 -2.17 16.77
C ALA B 190 15.80 -1.18 17.86
N ASP B 191 16.75 -0.31 17.55
CA ASP B 191 16.97 0.88 18.34
C ASP B 191 16.14 2.04 17.76
N GLU B 192 16.28 3.23 18.32
CA GLU B 192 15.50 4.40 17.87
CA GLU B 192 15.49 4.38 17.88
C GLU B 192 15.68 4.69 16.39
N GLU B 193 16.92 4.69 15.91
CA GLU B 193 17.19 5.02 14.52
C GLU B 193 16.51 4.02 13.59
N GLN B 194 16.61 2.74 13.94
CA GLN B 194 16.01 1.68 13.12
C GLN B 194 14.50 1.78 13.16
N LEU B 195 13.94 2.13 14.31
CA LEU B 195 12.48 2.28 14.40
C LEU B 195 12.01 3.43 13.52
N ARG B 196 12.70 4.56 13.56
CA ARG B 196 12.36 5.71 12.73
C ARG B 196 12.42 5.35 11.24
N ASN B 197 13.47 4.64 10.85
CA ASN B 197 13.63 4.18 9.47
C ASN B 197 12.49 3.26 9.06
N ALA B 198 12.15 2.33 9.93
CA ALA B 198 11.05 1.37 9.66
C ALA B 198 9.74 2.08 9.43
N TRP B 199 9.44 3.10 10.22
CA TRP B 199 8.24 3.88 9.98
C TRP B 199 8.26 4.55 8.63
N GLY B 200 9.44 5.04 8.22
CA GLY B 200 9.59 5.71 6.93
C GLY B 200 9.30 4.75 5.79
N ILE B 201 9.83 3.54 5.92
CA ILE B 201 9.60 2.49 4.92
C ILE B 201 8.09 2.17 4.91
N ALA B 202 7.51 2.02 6.09
CA ALA B 202 6.07 1.66 6.19
C ALA B 202 5.16 2.70 5.57
N ALA B 203 5.55 3.97 5.67
CA ALA B 203 4.68 5.04 5.22
C ALA B 203 4.48 4.99 3.71
N SER B 204 5.45 4.42 3.00
CA SER B 204 5.30 4.20 1.55
C SER B 204 4.54 2.94 1.22
N ASN B 205 4.08 2.24 2.26
CA ASN B 205 3.28 1.01 2.14
C ASN B 205 1.98 1.11 2.94
N SER B 206 1.50 2.34 3.07
CA SER B 206 0.26 2.66 3.78
C SER B 206 -0.80 2.80 2.70
N CYS B 207 -1.83 1.96 2.76
CA CYS B 207 -2.78 1.83 1.66
CA CYS B 207 -2.79 1.87 1.66
C CYS B 207 -4.07 1.20 2.15
N GLY B 208 -5.08 1.18 1.30
CA GLY B 208 -6.33 0.49 1.58
C GLY B 208 -7.49 1.46 1.55
N ILE B 209 -8.53 1.13 0.80
CA ILE B 209 -9.69 2.03 0.61
C ILE B 209 -11.01 1.38 0.96
N ILE B 210 -11.95 2.22 1.41
CA ILE B 210 -13.26 1.74 1.88
C ILE B 210 -14.13 1.21 0.74
N LYS B 211 -13.88 1.68 -0.49
CA LYS B 211 -14.68 1.18 -1.61
C LYS B 211 -14.56 -0.34 -1.78
N ASN B 212 -13.52 -0.96 -1.21
CA ASN B 212 -13.37 -2.41 -1.25
C ASN B 212 -14.09 -3.19 -0.14
N PHE B 213 -14.83 -2.48 0.71
CA PHE B 213 -15.62 -3.16 1.74
C PHE B 213 -16.67 -4.00 1.05
N GLY B 214 -16.93 -5.17 1.62
CA GLY B 214 -17.87 -6.10 1.02
C GLY B 214 -17.27 -7.00 -0.02
N THR B 215 -15.93 -6.94 -0.18
CA THR B 215 -15.19 -7.84 -1.07
C THR B 215 -14.08 -8.48 -0.27
N MSE B 216 -13.40 -9.44 -0.86
CA MSE B 216 -12.31 -10.12 -0.16
C MSE B 216 -11.07 -9.27 0.00
O MSE B 216 -10.17 -9.61 0.76
CB MSE B 216 -11.96 -11.38 -0.90
CG MSE B 216 -13.08 -12.38 -0.84
SE MSE B 216 -12.70 -13.92 -1.93
CE MSE B 216 -14.48 -14.40 -2.31
N THR B 217 -11.04 -8.13 -0.69
CA THR B 217 -9.92 -7.21 -0.57
C THR B 217 -9.88 -6.59 0.82
N LYS B 218 -11.03 -6.45 1.50
CA LYS B 218 -10.99 -5.87 2.83
C LYS B 218 -10.09 -6.63 3.81
N PRO B 219 -10.26 -7.95 3.97
CA PRO B 219 -9.30 -8.64 4.83
C PRO B 219 -7.88 -8.63 4.30
N MSE B 220 -7.71 -8.45 2.98
CA MSE B 220 -6.34 -8.29 2.45
C MSE B 220 -5.71 -7.04 2.99
O MSE B 220 -4.48 -6.96 3.14
CB MSE B 220 -6.34 -8.23 0.92
CG MSE B 220 -4.96 -8.23 0.36
SE MSE B 220 -5.02 -7.98 -1.58
CE MSE B 220 -3.09 -8.09 -1.92
N HIS B 221 -6.50 -6.02 3.32
CA HIS B 221 -5.94 -4.81 3.93
C HIS B 221 -5.08 -5.17 5.15
N THR B 222 -5.60 -6.04 6.00
CA THR B 222 -4.90 -6.43 7.22
C THR B 222 -3.79 -7.44 6.98
N GLY B 223 -3.96 -8.35 6.02
CA GLY B 223 -2.86 -9.22 5.63
C GLY B 223 -1.68 -8.41 5.11
N SER B 224 -1.98 -7.47 4.24
CA SER B 224 -0.94 -6.65 3.64
C SER B 224 -0.30 -5.74 4.69
N ALA B 225 -1.10 -5.18 5.57
CA ALA B 225 -0.54 -4.30 6.63
C ALA B 225 0.34 -5.11 7.55
N ALA B 226 -0.07 -6.32 7.92
CA ALA B 226 0.78 -7.15 8.77
C ALA B 226 2.09 -7.51 8.07
N ARG B 227 2.00 -7.98 6.83
CA ARG B 227 3.20 -8.32 6.08
C ARG B 227 4.10 -7.11 5.85
N ASN B 228 3.50 -6.00 5.47
CA ASN B 228 4.29 -4.80 5.20
C ASN B 228 4.94 -4.28 6.49
N GLY B 229 4.26 -4.42 7.61
CA GLY B 229 4.86 -4.01 8.90
C GLY B 229 6.06 -4.89 9.23
N VAL B 230 5.91 -6.21 9.08
CA VAL B 230 7.02 -7.12 9.31
C VAL B 230 8.17 -6.83 8.34
N LEU B 231 7.84 -6.66 7.06
CA LEU B 231 8.85 -6.38 6.06
C LEU B 231 9.56 -5.04 6.33
N SER B 232 8.82 -3.99 6.67
CA SER B 232 9.43 -2.69 6.93
C SER B 232 10.39 -2.78 8.09
N ALA B 233 10.00 -3.49 9.14
CA ALA B 233 10.86 -3.65 10.33
C ALA B 233 12.10 -4.45 9.94
N TRP B 234 11.91 -5.54 9.22
CA TRP B 234 13.03 -6.41 8.81
C TRP B 234 14.00 -5.63 7.94
N LEU B 235 13.48 -4.92 6.97
CA LEU B 235 14.33 -4.09 6.09
C LEU B 235 15.18 -3.12 6.89
N SER B 236 14.57 -2.49 7.87
CA SER B 236 15.25 -1.48 8.68
C SER B 236 16.48 -2.07 9.39
N MSE B 237 16.39 -3.33 9.76
CA MSE B 237 17.49 -4.05 10.43
C MSE B 237 18.64 -4.41 9.48
O MSE B 237 19.73 -4.77 9.94
CB MSE B 237 16.97 -5.31 11.11
CG MSE B 237 15.86 -5.09 12.13
SE MSE B 237 16.22 -3.72 13.47
CE MSE B 237 17.64 -4.59 14.41
N GLN B 238 18.41 -4.29 8.17
CA GLN B 238 19.42 -4.55 7.13
C GLN B 238 20.07 -3.25 6.63
N SER B 239 19.92 -2.17 7.38
CA SER B 239 20.38 -0.84 6.99
C SER B 239 19.76 -0.35 5.68
N PHE B 240 18.53 -0.77 5.43
CA PHE B 240 17.73 -0.27 4.32
C PHE B 240 17.06 1.00 4.81
N THR B 241 17.18 2.08 4.06
CA THR B 241 16.74 3.38 4.53
C THR B 241 15.34 3.82 4.11
N GLY B 242 14.65 4.50 5.02
CA GLY B 242 13.48 5.32 4.69
C GLY B 242 13.58 6.64 5.43
N CYS B 243 12.66 7.55 5.15
CA CYS B 243 12.64 8.85 5.82
C CYS B 243 12.50 8.70 7.31
N GLN B 244 13.39 9.34 8.07
CA GLN B 244 13.35 9.23 9.52
C GLN B 244 12.50 10.29 10.19
N THR B 245 11.84 11.14 9.42
CA THR B 245 10.91 12.15 9.95
C THR B 245 9.57 12.06 9.26
N VAL B 246 9.13 10.84 9.00
CA VAL B 246 8.03 10.65 8.05
C VAL B 246 6.68 11.15 8.55
N PHE B 247 6.51 11.28 9.88
CA PHE B 247 5.28 11.82 10.45
C PHE B 247 5.24 13.36 10.52
N ASP B 248 6.37 14.02 10.23
CA ASP B 248 6.47 15.46 10.36
C ASP B 248 6.24 16.20 9.06
N ASP B 249 5.78 17.45 9.17
CA ASP B 249 5.71 18.40 8.05
C ASP B 249 4.56 18.15 7.07
N ALA B 250 4.31 19.13 6.19
CA ALA B 250 3.28 19.03 5.17
C ALA B 250 3.52 17.83 4.25
N GLU B 251 4.79 17.49 4.08
CA GLU B 251 5.22 16.40 3.20
C GLU B 251 5.06 15.02 3.86
N GLY B 252 4.87 15.00 5.16
CA GLY B 252 4.79 13.77 5.94
C GLY B 252 3.42 13.14 5.80
N ILE B 253 3.37 11.85 6.14
CA ILE B 253 2.17 11.02 5.88
C ILE B 253 0.97 11.50 6.72
N LEU B 254 1.20 11.98 7.95
CA LEU B 254 0.08 12.46 8.77
C LEU B 254 -0.61 13.67 8.18
N ALA B 255 0.16 14.67 7.72
CA ALA B 255 -0.39 15.84 7.04
C ALA B 255 -1.11 15.45 5.77
N MSE B 256 -0.52 14.51 5.02
CA MSE B 256 -1.12 14.06 3.80
C MSE B 256 -2.50 13.45 4.07
O MSE B 256 -3.39 13.54 3.23
CB MSE B 256 -0.21 13.04 3.10
CG MSE B 256 0.95 13.70 2.43
SE MSE B 256 2.25 12.41 1.78
CE MSE B 256 1.18 11.62 0.47
N TYR B 257 -2.64 12.86 5.26
CA TYR B 257 -3.90 12.26 5.68
C TYR B 257 -4.82 13.20 6.47
N GLY B 258 -4.41 14.46 6.58
CA GLY B 258 -5.26 15.50 7.13
C GLY B 258 -4.90 15.99 8.51
N ALA B 259 -3.81 15.49 9.09
CA ALA B 259 -3.32 16.05 10.36
C ALA B 259 -2.82 17.47 10.17
N GLN B 260 -2.75 18.22 11.27
CA GLN B 260 -2.14 19.54 11.22
C GLN B 260 -0.66 19.42 11.60
N PRO B 261 0.25 19.72 10.64
CA PRO B 261 1.67 19.64 11.00
C PRO B 261 2.11 20.79 11.92
N GLY B 262 3.35 20.71 12.38
CA GLY B 262 3.92 21.71 13.27
C GLY B 262 3.77 21.28 14.72
N PRO B 263 3.90 22.23 15.66
CA PRO B 263 3.85 21.90 17.10
C PRO B 263 2.59 21.18 17.55
N GLU B 264 1.45 21.49 16.93
CA GLU B 264 0.17 20.86 17.26
C GLU B 264 0.21 19.33 17.20
N LEU B 265 1.01 18.76 16.28
CA LEU B 265 1.18 17.30 16.22
C LEU B 265 1.52 16.69 17.56
N PHE B 266 2.27 17.41 18.39
CA PHE B 266 2.72 16.88 19.68
C PHE B 266 1.57 16.68 20.67
N ASN B 267 0.46 17.38 20.46
CA ASN B 267 -0.74 17.19 21.26
C ASN B 267 -1.22 15.73 21.23
N ALA B 268 -1.06 15.09 20.07
CA ALA B 268 -1.45 13.68 19.88
C ALA B 268 -0.69 12.72 20.78
N MSE B 269 0.52 13.06 21.20
CA MSE B 269 1.30 12.17 22.07
C MSE B 269 1.55 12.66 23.50
O MSE B 269 2.37 12.09 24.22
CB MSE B 269 2.64 11.81 21.41
CG MSE B 269 3.65 12.93 21.30
SE MSE B 269 5.34 12.24 20.60
CE MSE B 269 5.74 11.05 21.90
N GLN B 270 0.82 13.69 23.92
CA GLN B 270 1.12 14.35 25.20
C GLN B 270 1.03 13.43 26.44
N LYS B 271 0.09 12.50 26.42
CA LYS B 271 -0.11 11.56 27.53
C LYS B 271 0.18 10.13 27.09
N PHE B 272 1.25 9.98 26.33
CA PHE B 272 1.70 8.68 25.88
C PHE B 272 1.85 7.78 27.09
N GLY B 273 1.15 6.65 27.11
CA GLY B 273 1.25 5.69 28.19
C GLY B 273 0.63 6.10 29.52
N THR B 274 -0.10 7.21 29.53
CA THR B 274 -0.67 7.73 30.79
C THR B 274 -2.06 8.27 30.56
N PRO B 275 -3.05 7.37 30.41
CA PRO B 275 -3.03 5.91 30.44
C PRO B 275 -2.70 5.28 29.07
N TRP B 276 -2.28 4.04 29.08
CA TRP B 276 -2.08 3.29 27.83
C TRP B 276 -3.40 3.26 27.07
N ALA B 277 -3.37 3.53 25.77
CA ALA B 277 -4.59 3.52 24.99
C ALA B 277 -5.24 2.13 24.92
N ILE B 278 -4.47 1.06 25.12
CA ILE B 278 -5.02 -0.29 25.08
C ILE B 278 -5.90 -0.55 26.32
N ILE B 279 -5.77 0.32 27.33
CA ILE B 279 -6.64 0.32 28.51
C ILE B 279 -7.76 1.36 28.38
N ALA B 280 -7.42 2.58 27.99
CA ALA B 280 -8.39 3.64 27.76
C ALA B 280 -8.19 4.34 26.42
N PRO B 281 -9.17 4.25 25.50
CA PRO B 281 -10.50 3.65 25.58
C PRO B 281 -10.54 2.14 25.44
N GLY B 282 -9.39 1.52 25.17
CA GLY B 282 -9.29 0.09 25.01
C GLY B 282 -9.73 -0.43 23.67
N LEU B 283 -9.55 -1.73 23.48
CA LEU B 283 -9.94 -2.43 22.27
C LEU B 283 -11.42 -2.73 22.44
N TYR B 284 -12.21 -2.52 21.40
CA TYR B 284 -13.64 -2.82 21.44
C TYR B 284 -13.86 -4.21 20.86
N LYS B 285 -14.28 -5.14 21.72
CA LYS B 285 -14.49 -6.51 21.27
C LYS B 285 -15.91 -6.72 20.73
N LYS B 286 -16.01 -7.34 19.55
CA LYS B 286 -17.29 -7.49 18.89
C LYS B 286 -18.07 -8.70 19.39
N SER B 287 -19.36 -8.47 19.63
CA SER B 287 -20.28 -9.56 19.99
C SER B 287 -20.83 -10.29 18.78
N TRP B 288 -20.74 -9.67 17.61
CA TRP B 288 -21.28 -10.22 16.36
C TRP B 288 -20.29 -10.02 15.27
N PRO B 289 -20.21 -10.95 14.31
CA PRO B 289 -19.24 -10.89 13.21
C PRO B 289 -19.78 -10.07 12.06
N SER B 290 -19.78 -8.77 12.24
CA SER B 290 -20.26 -7.82 11.26
C SER B 290 -19.77 -6.40 11.56
N CSO B 291 -20.03 -5.47 10.65
CA CSO B 291 -19.61 -4.08 10.80
CA CSO B 291 -19.61 -4.07 10.79
CB CSO B 291 -20.07 -3.25 9.58
CB CSO B 291 -20.12 -3.28 9.58
SG CSO B 291 -19.74 -1.52 9.70
SG CSO B 291 -19.39 -1.69 9.36
C CSO B 291 -20.16 -3.51 12.09
O CSO B 291 -21.33 -3.71 12.43
OD CSO B 291 -18.05 -1.61 9.34
OD CSO B 291 -20.17 -0.70 10.52
N TYR B 292 -19.32 -2.78 12.83
CA TYR B 292 -19.75 -2.17 14.11
C TYR B 292 -20.96 -1.26 14.00
N ALA B 293 -21.21 -0.69 12.82
CA ALA B 293 -22.40 0.13 12.67
C ALA B 293 -23.71 -0.64 12.84
N ASN B 294 -23.64 -1.97 12.80
CA ASN B 294 -24.80 -2.82 13.07
C ASN B 294 -25.05 -3.07 14.56
N HIS B 295 -24.07 -2.77 15.41
CA HIS B 295 -24.05 -3.35 16.77
C HIS B 295 -24.91 -2.65 17.81
N LYS B 296 -24.92 -1.31 17.85
CA LYS B 296 -25.90 -0.66 18.75
C LYS B 296 -27.34 -1.00 18.30
N PRO B 297 -27.62 -0.97 16.98
CA PRO B 297 -28.94 -1.44 16.54
C PRO B 297 -29.32 -2.85 17.02
N LEU B 298 -28.38 -3.78 16.91
CA LEU B 298 -28.64 -5.15 17.34
C LEU B 298 -28.86 -5.20 18.84
N ALA B 299 -27.98 -4.54 19.61
CA ALA B 299 -28.17 -4.52 21.06
C ALA B 299 -29.55 -4.01 21.44
N GLY B 300 -30.00 -2.93 20.78
CA GLY B 300 -31.28 -2.36 21.09
C GLY B 300 -32.41 -3.31 20.73
N LEU B 301 -32.32 -3.94 19.57
CA LEU B 301 -33.36 -4.87 19.15
C LEU B 301 -33.48 -6.05 20.09
N PHE B 302 -32.34 -6.65 20.43
CA PHE B 302 -32.38 -7.80 21.34
C PHE B 302 -32.90 -7.40 22.70
N ALA B 303 -32.58 -6.20 23.14
CA ALA B 303 -33.07 -5.71 24.42
C ALA B 303 -34.61 -5.53 24.38
N ILE B 304 -35.12 -4.94 23.30
CA ILE B 304 -36.57 -4.77 23.17
C ILE B 304 -37.27 -6.12 23.15
N MSE B 305 -36.73 -7.04 22.35
CA MSE B 305 -37.32 -8.37 22.25
C MSE B 305 -37.35 -9.04 23.62
O MSE B 305 -38.33 -9.66 23.99
CB MSE B 305 -36.58 -9.23 21.24
CG MSE B 305 -36.75 -8.76 19.80
SE MSE B 305 -35.58 -9.64 18.48
CE MSE B 305 -36.69 -10.83 18.06
N LYS B 306 -36.26 -8.94 24.36
CA LYS B 306 -36.20 -9.54 25.70
C LYS B 306 -37.13 -8.89 26.70
N GLU B 307 -37.14 -7.57 26.71
CA GLU B 307 -37.91 -6.81 27.69
C GLU B 307 -39.43 -6.91 27.45
N HIS B 308 -39.82 -6.99 26.18
CA HIS B 308 -41.24 -7.00 25.81
C HIS B 308 -41.75 -8.40 25.43
N GLY B 309 -40.90 -9.42 25.47
CA GLY B 309 -41.36 -10.78 25.19
C GLY B 309 -41.76 -10.97 23.74
N LEU B 310 -40.98 -10.41 22.83
CA LEU B 310 -41.28 -10.46 21.40
C LEU B 310 -40.33 -11.37 20.63
N THR B 311 -40.85 -12.08 19.65
CA THR B 311 -40.00 -12.75 18.68
C THR B 311 -40.15 -12.02 17.36
N GLY B 312 -39.37 -12.43 16.36
CA GLY B 312 -39.40 -11.80 15.04
C GLY B 312 -40.77 -11.83 14.38
N GLN B 313 -41.55 -12.86 14.65
CA GLN B 313 -42.88 -12.96 14.09
CA GLN B 313 -42.85 -12.91 14.01
C GLN B 313 -43.83 -11.91 14.63
N ASP B 314 -43.51 -11.42 15.84
CA ASP B 314 -44.32 -10.37 16.45
C ASP B 314 -43.94 -8.96 15.94
N ILE B 315 -42.91 -8.85 15.12
CA ILE B 315 -42.38 -7.54 14.74
C ILE B 315 -42.54 -7.37 13.25
N SER B 316 -43.24 -6.30 12.84
CA SER B 316 -43.53 -6.10 11.43
C SER B 316 -42.50 -5.26 10.69
N HIS B 317 -41.71 -4.48 11.45
CA HIS B 317 -40.82 -3.51 10.85
C HIS B 317 -39.84 -3.00 11.90
N VAL B 318 -38.63 -2.66 11.45
CA VAL B 318 -37.63 -2.04 12.28
C VAL B 318 -37.00 -0.88 11.51
N ASP B 319 -37.06 0.31 12.11
CA ASP B 319 -36.36 1.49 11.62
C ASP B 319 -35.07 1.65 12.39
N VAL B 320 -33.97 1.88 11.70
CA VAL B 320 -32.67 2.00 12.35
C VAL B 320 -32.04 3.33 11.95
N GLY B 321 -31.70 4.16 12.93
CA GLY B 321 -31.09 5.45 12.68
C GLY B 321 -29.58 5.45 12.74
N PHE B 322 -28.98 6.40 12.02
CA PHE B 322 -27.55 6.57 11.94
C PHE B 322 -27.19 8.05 12.00
N LEU B 323 -26.29 8.39 12.91
CA LEU B 323 -25.72 9.72 12.96
C LEU B 323 -24.83 9.99 11.75
N PRO B 324 -24.50 11.27 11.50
CA PRO B 324 -23.63 11.54 10.35
C PRO B 324 -22.33 10.78 10.45
N GLY B 325 -21.91 10.19 9.33
CA GLY B 325 -20.61 9.53 9.26
C GLY B 325 -20.63 8.08 9.65
N VAL B 326 -21.74 7.61 10.21
CA VAL B 326 -21.82 6.26 10.75
C VAL B 326 -22.27 5.25 9.69
N GLU B 327 -23.20 5.65 8.83
CA GLU B 327 -23.72 4.71 7.84
C GLU B 327 -22.73 4.38 6.71
N LYS B 328 -21.69 5.21 6.54
CA LYS B 328 -20.73 5.09 5.43
C LYS B 328 -20.36 3.65 5.04
N PRO B 329 -19.86 2.83 5.99
CA PRO B 329 -19.43 1.50 5.59
C PRO B 329 -20.54 0.51 5.25
N LEU B 330 -21.80 0.83 5.56
CA LEU B 330 -22.88 -0.12 5.31
C LEU B 330 -23.35 0.02 3.86
N LEU B 331 -22.50 -0.45 2.95
CA LEU B 331 -22.67 -0.17 1.51
C LEU B 331 -23.80 -0.94 0.84
N TYR B 332 -24.30 -1.99 1.48
CA TYR B 332 -25.18 -2.95 0.80
C TYR B 332 -26.53 -3.04 1.46
N MSE B 333 -27.56 -2.66 0.71
CA MSE B 333 -28.93 -2.81 1.21
CA MSE B 333 -28.94 -2.78 1.18
C MSE B 333 -29.54 -4.13 0.76
O MSE B 333 -30.51 -4.60 1.37
CB MSE B 333 -29.81 -1.64 0.78
CB MSE B 333 -29.78 -1.60 0.65
CG MSE B 333 -29.31 -0.32 1.30
CG MSE B 333 -29.48 -0.25 1.31
SE MSE B 333 -30.42 1.16 0.71
SE MSE B 333 -27.73 0.53 0.90
CE MSE B 333 -32.04 0.64 1.46
CE MSE B 333 -28.15 2.43 1.25
N ASP B 334 -28.98 -4.73 -0.29
CA ASP B 334 -29.41 -6.02 -0.80
C ASP B 334 -28.21 -6.95 -1.03
N PRO B 335 -27.56 -7.36 0.06
CA PRO B 335 -26.31 -8.06 -0.13
C PRO B 335 -26.49 -9.40 -0.82
N ARG B 336 -25.57 -9.76 -1.69
CA ARG B 336 -25.64 -11.03 -2.39
C ARG B 336 -24.55 -12.01 -2.02
N THR B 337 -23.56 -11.55 -1.25
CA THR B 337 -22.49 -12.42 -0.82
C THR B 337 -22.33 -12.34 0.68
N THR B 338 -21.59 -13.31 1.21
CA THR B 338 -21.31 -13.37 2.62
CA THR B 338 -21.29 -13.36 2.64
C THR B 338 -20.58 -12.08 3.06
N GLU B 339 -19.62 -11.64 2.23
CA GLU B 339 -18.84 -10.43 2.55
C GLU B 339 -19.74 -9.20 2.56
N GLU B 340 -20.64 -9.09 1.61
CA GLU B 340 -21.53 -7.92 1.54
C GLU B 340 -22.48 -7.85 2.73
N ALA B 341 -22.94 -9.00 3.20
CA ALA B 341 -23.95 -9.07 4.25
C ALA B 341 -23.44 -8.49 5.55
N LYS B 342 -22.13 -8.55 5.76
CA LYS B 342 -21.55 -7.97 6.98
C LYS B 342 -21.64 -6.44 7.00
N PHE B 343 -21.90 -5.85 5.83
CA PHE B 343 -22.01 -4.42 5.68
C PHE B 343 -23.43 -4.05 5.29
N SER B 344 -24.39 -4.76 5.85
CA SER B 344 -25.80 -4.54 5.59
C SER B 344 -26.62 -4.59 6.88
N ILE B 345 -27.21 -3.45 7.28
CA ILE B 345 -28.09 -3.44 8.44
C ILE B 345 -29.32 -4.33 8.20
N GLU B 346 -29.72 -4.44 6.94
CA GLU B 346 -30.86 -5.28 6.62
C GLU B 346 -30.60 -6.75 6.91
N ALA B 347 -29.41 -7.22 6.51
CA ALA B 347 -29.02 -8.59 6.83
C ALA B 347 -28.87 -8.82 8.32
N ASN B 348 -28.27 -7.87 9.02
CA ASN B 348 -28.05 -8.06 10.44
C ASN B 348 -29.35 -8.09 11.24
N ILE B 349 -30.18 -7.06 11.05
CA ILE B 349 -31.45 -7.02 11.72
C ILE B 349 -32.36 -8.16 11.25
N GLY B 350 -32.32 -8.47 9.96
CA GLY B 350 -33.10 -9.61 9.43
C GLY B 350 -32.79 -10.92 10.14
N ALA B 351 -31.49 -11.22 10.32
CA ALA B 351 -31.07 -12.47 10.96
C ALA B 351 -31.53 -12.48 12.41
N ALA B 352 -31.40 -11.32 13.05
CA ALA B 352 -31.84 -11.14 14.43
C ALA B 352 -33.32 -11.42 14.59
N LEU B 353 -34.12 -10.90 13.68
CA LEU B 353 -35.56 -11.13 13.71
C LEU B 353 -35.88 -12.59 13.45
N LEU B 354 -35.29 -13.15 12.40
CA LEU B 354 -35.61 -14.53 11.99
C LEU B 354 -35.18 -15.55 13.01
N ASP B 355 -33.93 -15.46 13.44
CA ASP B 355 -33.32 -16.50 14.29
C ASP B 355 -33.23 -16.16 15.77
N GLY B 356 -33.45 -14.91 16.16
CA GLY B 356 -33.32 -14.48 17.54
C GLY B 356 -31.90 -14.28 18.02
N GLU B 357 -30.98 -14.29 17.06
CA GLU B 357 -29.55 -14.18 17.33
C GLU B 357 -28.84 -13.87 16.02
N VAL B 358 -27.60 -13.38 16.15
CA VAL B 358 -26.71 -13.24 15.02
C VAL B 358 -25.44 -14.00 15.41
N SER B 359 -25.03 -14.90 14.53
CA SER B 359 -23.97 -15.85 14.80
C SER B 359 -23.04 -15.94 13.60
N LEU B 360 -21.98 -16.73 13.78
CA LEU B 360 -21.10 -17.09 12.71
C LEU B 360 -21.86 -17.57 11.47
N ALA B 361 -22.87 -18.40 11.68
CA ALA B 361 -23.62 -19.01 10.60
C ALA B 361 -24.57 -18.04 9.89
N SER B 362 -24.96 -16.93 10.52
CA SER B 362 -25.98 -16.06 9.93
C SER B 362 -25.65 -15.55 8.55
N PHE B 363 -24.36 -15.37 8.26
CA PHE B 363 -23.94 -14.71 7.03
C PHE B 363 -23.43 -15.71 5.99
N GLU B 364 -23.48 -17.00 6.32
CA GLU B 364 -23.21 -18.05 5.34
C GLU B 364 -24.21 -17.95 4.21
N ILE B 365 -23.73 -18.16 2.99
CA ILE B 365 -24.55 -17.86 1.82
C ILE B 365 -25.87 -18.66 1.79
N GLU B 366 -25.84 -19.92 2.23
CA GLU B 366 -27.05 -20.73 2.29
C GLU B 366 -28.10 -20.11 3.22
N HIS B 367 -27.65 -19.53 4.33
CA HIS B 367 -28.57 -18.90 5.27
C HIS B 367 -29.05 -17.56 4.76
N LEU B 368 -28.13 -16.77 4.20
CA LEU B 368 -28.47 -15.49 3.59
C LEU B 368 -29.56 -15.65 2.52
N ASP B 369 -29.48 -16.77 1.78
CA ASP B 369 -30.39 -17.03 0.66
C ASP B 369 -31.73 -17.67 1.03
N ARG B 370 -31.96 -17.97 2.31
CA ARG B 370 -33.27 -18.46 2.76
C ARG B 370 -34.39 -17.48 2.41
N PRO B 371 -35.48 -17.96 1.79
CA PRO B 371 -36.63 -17.08 1.57
C PRO B 371 -37.09 -16.29 2.79
N ALA B 372 -37.15 -16.95 3.95
CA ALA B 372 -37.61 -16.30 5.16
C ALA B 372 -36.61 -15.22 5.59
N MSE B 373 -35.33 -15.42 5.26
CA MSE B 373 -34.29 -14.45 5.58
C MSE B 373 -34.47 -13.23 4.68
O MSE B 373 -34.45 -12.09 5.14
CB MSE B 373 -32.90 -15.06 5.44
CG MSE B 373 -31.77 -14.06 5.51
SE MSE B 373 -31.62 -13.19 7.26
CE MSE B 373 -29.90 -12.33 6.86
N ARG B 374 -34.67 -13.44 3.38
CA ARG B 374 -34.91 -12.33 2.49
C ARG B 374 -36.18 -11.59 2.92
N ALA B 375 -37.19 -12.32 3.37
CA ALA B 375 -38.41 -11.70 3.89
C ALA B 375 -38.15 -10.83 5.12
N ALA B 376 -37.34 -11.35 6.04
CA ALA B 376 -37.00 -10.60 7.25
C ALA B 376 -36.25 -9.32 6.91
N MSE B 377 -35.38 -9.39 5.91
CA MSE B 377 -34.57 -8.25 5.52
C MSE B 377 -35.43 -7.09 5.02
O MSE B 377 -35.07 -5.92 5.19
CB MSE B 377 -33.55 -8.68 4.49
CG MSE B 377 -32.50 -9.62 5.10
SE MSE B 377 -31.32 -10.46 3.84
CE MSE B 377 -30.81 -9.13 3.14
N LYS B 378 -36.56 -7.42 4.40
CA LYS B 378 -37.44 -6.40 3.88
C LYS B 378 -38.15 -5.62 4.99
N LYS B 379 -38.05 -6.08 6.23
CA LYS B 379 -38.65 -5.41 7.37
C LYS B 379 -37.81 -4.24 7.91
N VAL B 380 -36.66 -4.00 7.30
CA VAL B 380 -35.67 -3.09 7.86
C VAL B 380 -35.49 -1.87 6.98
N THR B 381 -35.58 -0.70 7.61
CA THR B 381 -35.31 0.56 6.93
CA THR B 381 -35.43 0.63 7.00
C THR B 381 -34.35 1.44 7.70
N ARG B 382 -33.62 2.28 6.98
CA ARG B 382 -32.60 3.16 7.56
C ARG B 382 -33.14 4.57 7.63
N PHE B 383 -32.70 5.33 8.61
CA PHE B 383 -32.96 6.77 8.63
C PHE B 383 -31.81 7.55 9.20
N ASP B 384 -31.79 8.85 8.87
CA ASP B 384 -30.72 9.74 9.29
C ASP B 384 -31.08 10.38 10.61
N MSE B 385 -30.16 10.34 11.55
CA MSE B 385 -30.25 11.10 12.78
C MSE B 385 -29.42 12.38 12.64
O MSE B 385 -28.27 12.34 12.19
CB MSE B 385 -29.70 10.26 13.94
CG MSE B 385 -30.44 8.94 14.19
SE MSE B 385 -29.35 7.72 15.25
CE MSE B 385 -29.27 8.71 16.91
N PRO B 386 -29.98 13.54 13.03
CA PRO B 386 -29.29 14.81 12.85
C PRO B 386 -28.18 15.06 13.86
N SER B 387 -27.13 15.75 13.42
CA SER B 387 -26.11 16.23 14.32
C SER B 387 -25.20 17.26 13.63
N GLU B 388 -24.56 18.10 14.42
CA GLU B 388 -23.60 19.07 13.91
C GLU B 388 -22.20 18.46 13.74
N THR B 389 -22.01 17.23 14.21
CA THR B 389 -20.72 16.57 14.00
CA THR B 389 -20.74 16.55 14.10
C THR B 389 -20.91 15.17 13.48
N THR B 390 -19.80 14.48 13.24
CA THR B 390 -19.81 13.13 12.71
C THR B 390 -19.34 12.16 13.78
N PHE B 391 -19.74 10.92 13.61
CA PHE B 391 -19.48 9.86 14.57
C PHE B 391 -19.00 8.62 13.82
N SER B 392 -18.93 7.51 14.53
CA SER B 392 -18.55 6.22 13.95
C SER B 392 -19.41 5.10 14.53
N GLY B 393 -19.29 3.90 13.97
CA GLY B 393 -19.98 2.72 14.50
C GLY B 393 -19.67 2.43 15.96
N THR B 394 -18.48 2.83 16.40
CA THR B 394 -18.05 2.57 17.78
C THR B 394 -18.29 3.74 18.75
N THR B 395 -18.91 4.81 18.27
CA THR B 395 -19.16 5.98 19.10
C THR B 395 -20.61 6.42 18.91
N GLY B 396 -20.96 7.55 19.51
CA GLY B 396 -22.29 8.08 19.38
C GLY B 396 -23.37 7.20 19.99
N TYR B 397 -24.57 7.33 19.44
CA TYR B 397 -25.77 6.69 19.96
C TYR B 397 -26.67 6.37 18.78
N THR B 398 -27.64 5.50 19.00
CA THR B 398 -28.50 4.95 17.96
C THR B 398 -29.96 4.99 18.40
N ASP B 399 -30.83 5.46 17.52
CA ASP B 399 -32.28 5.37 17.68
C ASP B 399 -32.82 4.28 16.79
N ILE B 400 -33.65 3.44 17.39
CA ILE B 400 -34.39 2.41 16.65
C ILE B 400 -35.87 2.50 16.99
N VAL B 401 -36.67 2.00 16.06
CA VAL B 401 -38.10 1.88 16.27
C VAL B 401 -38.53 0.47 15.82
N VAL B 402 -39.12 -0.25 16.75
CA VAL B 402 -39.61 -1.59 16.55
C VAL B 402 -41.14 -1.56 16.49
N HIS B 403 -41.68 -2.03 15.35
CA HIS B 403 -43.13 -2.02 15.13
C HIS B 403 -43.72 -3.38 15.44
N THR B 404 -44.73 -3.37 16.30
CA THR B 404 -45.47 -4.55 16.75
C THR B 404 -46.95 -4.31 16.52
N ALA B 405 -47.77 -5.35 16.70
N ALA B 405 -47.76 -5.35 16.71
CA ALA B 405 -49.23 -5.22 16.50
CA ALA B 405 -49.21 -5.30 16.43
C ALA B 405 -49.80 -4.14 17.41
C ALA B 405 -49.92 -4.19 17.21
N ASP B 406 -49.26 -4.03 18.61
N ASP B 406 -49.38 -3.82 18.36
CA ASP B 406 -49.82 -3.10 19.58
CA ASP B 406 -49.96 -2.74 19.14
C ASP B 406 -49.03 -1.79 19.65
C ASP B 406 -49.57 -1.38 18.53
N GLY B 407 -48.36 -1.41 18.55
N GLY B 407 -48.27 -1.15 18.39
CA GLY B 407 -47.71 -0.11 18.48
CA GLY B 407 -47.77 0.17 18.04
C GLY B 407 -46.21 -0.16 18.30
C GLY B 407 -46.28 0.17 17.72
N LYS B 408 -45.61 1.02 18.32
N LYS B 408 -45.55 1.09 18.34
CA LYS B 408 -44.19 1.16 18.05
CA LYS B 408 -44.15 1.24 18.04
C LYS B 408 -43.44 1.28 19.37
C LYS B 408 -43.37 1.41 19.33
N ILE B 409 -42.23 0.73 19.42
CA ILE B 409 -41.36 0.84 20.58
C ILE B 409 -40.09 1.57 20.14
N GLU B 410 -39.82 2.72 20.75
CA GLU B 410 -38.64 3.52 20.44
C GLU B 410 -37.59 3.26 21.49
N ARG B 411 -36.33 3.26 21.09
CA ARG B 411 -35.24 3.13 22.03
C ARG B 411 -34.02 3.85 21.52
N ARG B 412 -33.33 4.51 22.45
CA ARG B 412 -32.01 5.08 22.21
C ARG B 412 -30.99 4.21 22.91
N ILE B 413 -29.99 3.78 22.15
CA ILE B 413 -28.89 2.98 22.63
C ILE B 413 -27.67 3.89 22.68
N GLU B 414 -27.19 4.12 23.90
CA GLU B 414 -26.07 5.01 24.11
C GLU B 414 -24.71 4.33 24.20
N ALA B 415 -24.68 3.10 24.69
CA ALA B 415 -23.44 2.39 24.93
C ALA B 415 -23.18 1.46 23.75
N THR B 416 -21.97 1.54 23.20
CA THR B 416 -21.56 0.64 22.17
C THR B 416 -21.10 -0.68 22.80
N PRO B 417 -21.70 -1.83 22.39
CA PRO B 417 -21.25 -3.13 22.85
CA PRO B 417 -21.22 -3.09 22.92
C PRO B 417 -19.75 -3.35 22.61
N GLY B 418 -18.99 -3.61 23.67
CA GLY B 418 -17.57 -3.84 23.57
C GLY B 418 -16.76 -2.66 24.10
N SER B 419 -17.39 -1.51 24.25
CA SER B 419 -16.76 -0.32 24.82
C SER B 419 -16.64 -0.46 26.33
N LEU B 420 -15.94 0.46 26.97
CA LEU B 420 -15.90 0.44 28.45
C LEU B 420 -17.27 0.59 29.07
N GLU B 421 -18.21 1.20 28.36
CA GLU B 421 -19.59 1.33 28.85
C GLU B 421 -20.43 0.04 28.69
N ASP B 422 -19.95 -0.91 27.89
CA ASP B 422 -20.63 -2.21 27.74
C ASP B 422 -19.58 -3.28 27.42
N PRO B 423 -18.67 -3.52 28.37
CA PRO B 423 -17.46 -4.31 28.10
C PRO B 423 -17.69 -5.78 27.96
N MSE B 424 -16.83 -6.45 27.21
CA MSE B 424 -16.85 -7.92 27.14
C MSE B 424 -15.99 -8.47 28.27
O MSE B 424 -14.78 -8.25 28.29
CB MSE B 424 -16.32 -8.44 25.80
CG MSE B 424 -16.49 -9.94 25.64
SE MSE B 424 -15.86 -10.62 23.95
CE MSE B 424 -17.24 -9.87 22.89
N ASP B 425 -16.61 -9.21 29.19
CA ASP B 425 -15.86 -9.81 30.30
C ASP B 425 -15.24 -11.16 29.93
N ASP B 426 -14.48 -11.74 30.87
CA ASP B 426 -13.75 -12.97 30.65
C ASP B 426 -14.64 -14.10 30.19
N ALA B 427 -15.81 -14.26 30.81
CA ALA B 427 -16.68 -15.37 30.48
C ALA B 427 -17.18 -15.24 29.04
N HIS B 428 -17.47 -14.02 28.65
CA HIS B 428 -17.95 -13.81 27.29
CA HIS B 428 -17.95 -13.79 27.29
C HIS B 428 -16.85 -13.94 26.27
N LEU B 429 -15.66 -13.47 26.60
CA LEU B 429 -14.53 -13.64 25.66
C LEU B 429 -14.20 -15.14 25.50
N GLU B 430 -14.23 -15.86 26.61
CA GLU B 430 -14.07 -17.32 26.55
C GLU B 430 -15.14 -18.02 25.71
N ARG B 431 -16.40 -17.58 25.79
CA ARG B 431 -17.48 -18.13 24.99
CA ARG B 431 -17.46 -18.17 24.99
C ARG B 431 -17.24 -17.86 23.51
N LYS B 432 -16.84 -16.64 23.20
CA LYS B 432 -16.51 -16.26 21.83
C LYS B 432 -15.41 -17.17 21.28
N PHE B 433 -14.38 -17.41 22.07
CA PHE B 433 -13.28 -18.27 21.66
C PHE B 433 -13.80 -19.69 21.38
N LYS B 434 -14.61 -20.19 22.31
CA LYS B 434 -15.24 -21.50 22.15
C LYS B 434 -16.05 -21.60 20.85
N ASP B 435 -16.88 -20.60 20.59
CA ASP B 435 -17.74 -20.61 19.43
C ASP B 435 -16.91 -20.57 18.15
N CYS B 436 -15.84 -19.79 18.17
CA CYS B 436 -15.01 -19.64 16.95
C CYS B 436 -14.14 -20.86 16.68
N THR B 437 -13.99 -21.74 17.66
CA THR B 437 -13.07 -22.87 17.55
C THR B 437 -13.77 -24.22 17.69
N ALA B 438 -15.10 -24.22 17.61
CA ALA B 438 -15.89 -25.43 17.80
C ALA B 438 -15.59 -26.54 16.80
N TRP B 439 -15.02 -26.16 15.65
CA TRP B 439 -14.66 -27.09 14.61
C TRP B 439 -13.41 -27.90 14.91
N MSE B 440 -12.63 -27.48 15.90
CA MSE B 440 -11.33 -28.07 16.16
C MSE B 440 -11.51 -29.48 16.71
O MSE B 440 -12.56 -29.78 17.26
CB MSE B 440 -10.53 -27.19 17.11
CG MSE B 440 -10.01 -25.94 16.48
SE MSE B 440 -8.94 -24.83 17.62
CE MSE B 440 -7.44 -26.04 17.98
N PRO B 441 -10.50 -30.35 16.56
CA PRO B 441 -10.63 -31.70 17.09
C PRO B 441 -10.80 -31.72 18.62
N PHE B 442 -11.47 -32.75 19.12
CA PHE B 442 -11.83 -32.83 20.53
C PHE B 442 -10.74 -32.36 21.50
N GLY B 443 -11.09 -31.39 22.34
CA GLY B 443 -10.18 -30.90 23.38
C GLY B 443 -9.11 -29.92 22.95
N GLU B 444 -8.86 -29.79 21.64
CA GLU B 444 -7.74 -28.98 21.17
C GLU B 444 -8.00 -27.49 21.37
N SER B 445 -9.26 -27.08 21.33
CA SER B 445 -9.59 -25.68 21.53
C SER B 445 -9.22 -25.25 22.96
N GLY B 446 -9.55 -26.09 23.94
CA GLY B 446 -9.23 -25.76 25.33
C GLY B 446 -7.75 -25.75 25.61
N LEU B 447 -7.04 -26.69 25.00
CA LEU B 447 -5.59 -26.73 25.11
C LEU B 447 -4.98 -25.44 24.54
N LEU B 448 -5.46 -25.02 23.37
CA LEU B 448 -5.00 -23.78 22.72
C LEU B 448 -5.33 -22.59 23.60
N PHE B 449 -6.54 -22.53 24.16
CA PHE B 449 -6.93 -21.43 25.04
C PHE B 449 -5.94 -21.32 26.21
N ASP B 450 -5.61 -22.46 26.83
CA ASP B 450 -4.63 -22.45 27.93
C ASP B 450 -3.23 -21.98 27.51
N ARG B 451 -2.79 -22.40 26.32
CA ARG B 451 -1.49 -21.97 25.79
C ARG B 451 -1.48 -20.49 25.48
N LEU B 452 -2.59 -19.97 24.98
CA LEU B 452 -2.67 -18.53 24.73
C LEU B 452 -2.52 -17.75 26.04
N ARG B 453 -3.19 -18.21 27.08
CA ARG B 453 -3.10 -17.55 28.39
C ARG B 453 -1.71 -17.66 29.02
N SER B 454 -0.88 -18.58 28.53
CA SER B 454 0.48 -18.79 29.05
C SER B 454 1.45 -17.66 28.68
N LEU B 455 1.10 -16.83 27.70
CA LEU B 455 1.88 -15.63 27.40
C LEU B 455 2.00 -14.70 28.60
N THR B 456 0.94 -14.62 29.40
CA THR B 456 0.97 -13.82 30.62
C THR B 456 2.00 -14.38 31.63
N ALA B 457 2.26 -15.68 31.52
CA ALA B 457 3.28 -16.35 32.34
C ALA B 457 4.66 -16.35 31.69
N ASP B 458 4.82 -15.54 30.65
CA ASP B 458 6.10 -15.33 30.01
C ASP B 458 6.66 -16.60 29.37
N GLN B 459 5.76 -17.47 28.92
CA GLN B 459 6.12 -18.64 28.14
C GLN B 459 6.61 -18.19 26.77
N GLY B 460 7.34 -19.07 26.09
CA GLY B 460 7.75 -18.82 24.70
C GLY B 460 6.55 -18.77 23.78
N ILE B 461 6.47 -17.75 22.93
CA ILE B 461 5.35 -17.67 21.97
C ILE B 461 5.36 -18.83 20.99
N LYS B 462 6.54 -19.38 20.69
CA LYS B 462 6.65 -20.53 19.79
C LYS B 462 5.80 -21.72 20.25
N THR B 463 5.53 -21.78 21.54
CA THR B 463 4.78 -22.91 22.10
C THR B 463 3.27 -22.84 21.83
N VAL B 464 2.74 -21.68 21.48
CA VAL B 464 1.29 -21.50 21.43
C VAL B 464 0.65 -22.20 20.21
N GLN B 465 1.18 -21.94 19.01
CA GLN B 465 0.73 -22.61 17.79
C GLN B 465 -0.78 -22.60 17.55
N PRO B 466 -1.36 -21.40 17.33
CA PRO B 466 -2.75 -21.36 16.89
C PRO B 466 -2.86 -21.95 15.49
C1 EDO C . 12.58 -11.68 -14.84
O1 EDO C . 13.46 -12.16 -15.88
C2 EDO C . 11.53 -12.65 -14.41
O2 EDO C . 10.97 -12.34 -13.15
C1 EDO D . 9.18 29.61 -23.15
O1 EDO D . 10.10 30.37 -23.95
C2 EDO D . 7.89 29.35 -23.91
O2 EDO D . 7.94 28.09 -24.60
C1 EDO E . 23.23 8.47 -24.22
O1 EDO E . 23.16 7.04 -24.34
C2 EDO E . 21.83 9.01 -24.30
O2 EDO E . 21.80 10.38 -24.66
C1 EDO F . 26.28 -3.27 -26.13
O1 EDO F . 26.57 -4.21 -25.09
C2 EDO F . 25.00 -3.69 -26.81
O2 EDO F . 25.27 -4.58 -27.89
UNK UNX G . 11.55 15.27 -11.76
UNK UNX H . 10.21 14.88 -12.25
UNK UNX I . 10.06 14.53 -13.72
UNK UNX J . 8.62 15.30 -12.45
UNK UNX K . 8.27 13.55 -13.70
UNK UNX L . 8.20 15.08 -14.61
UNK UNX M . 8.84 14.68 -13.66
C1 EDO N . -12.38 -28.79 20.55
O1 EDO N . -10.97 -28.66 20.36
C2 EDO N . -13.10 -27.78 19.68
O2 EDO N . -14.49 -27.81 19.94
C1 EDO O . -26.72 12.21 24.20
O1 EDO O . -25.79 11.13 24.39
C2 EDO O . -27.92 11.71 23.38
O2 EDO O . -28.95 11.14 24.21
S1 DTU P . -17.65 -1.85 -5.64
C1 DTU P . -18.41 -3.07 -6.99
C2 DTU P . -18.41 -4.57 -6.67
O2 DTU P . -17.52 -5.30 -7.45
C3 DTU P . -18.33 -4.90 -5.16
O3 DTU P . -18.40 -3.68 -4.47
C4 DTU P . -19.49 -5.77 -4.70
S4 DTU P . -19.09 -6.91 -3.34
S1 DTU Q . 13.34 12.54 5.07
C1 DTU Q . 14.00 14.21 5.01
C2 DTU Q . 13.22 15.47 5.39
O2 DTU Q . 11.87 15.35 5.04
C3 DTU Q . 13.37 15.84 6.87
O3 DTU Q . 12.14 16.15 7.48
C4 DTU Q . 14.08 14.76 7.65
S4 DTU Q . 15.88 14.84 7.44
UNK UNX R . -18.44 0.82 11.59
UNK UNX S . -17.19 1.31 11.83
UNK UNX T . -16.56 3.05 12.04
UNK UNX U . -16.74 1.50 13.54
UNK UNX V . -14.49 1.73 13.10
UNK UNX W . -15.93 2.94 14.36
UNK UNX X . -16.03 2.48 13.18
#